data_6QVF
#
_entry.id   6QVF
#
_cell.length_a   50.588
_cell.length_b   137.815
_cell.length_c   59.739
_cell.angle_alpha   90.000
_cell.angle_beta   98.180
_cell.angle_gamma   90.000
#
_symmetry.space_group_name_H-M   'P 1 21 1'
#
loop_
_entity.id
_entity.type
_entity.pdbx_description
1 polymer 'Prepilin-like protein'
2 water water
#
_entity_poly.entity_id   1
_entity_poly.type   'polypeptide(L)'
_entity_poly.pdbx_seq_one_letter_code
;NLRASAQARFATDAKAAAVQVLERRSAEVLKSEIVPALSPYKDAPLDPDNPSGNWRSFYFVDYYFSCPTRVAPSPKQRGG
SVANLRPGLTCSGTETIFGIPVAWDIRGENGILGEGVVTVVVTATHPRGPKVTLGRRVTCYDVYPSPTQDQPAPCPPPGG
GRPGSGSWSHPQFEK
;
_entity_poly.pdbx_strand_id   A,B,C,D
#
# COMPACT_ATOMS: atom_id res chain seq x y z
N ARG A 3 22.29 -11.65 -30.98
CA ARG A 3 22.43 -11.45 -29.48
C ARG A 3 21.09 -11.03 -28.87
N ALA A 4 20.44 -10.08 -29.55
CA ALA A 4 19.08 -9.68 -29.24
C ALA A 4 18.17 -10.91 -29.37
N SER A 5 18.35 -11.66 -30.46
CA SER A 5 17.57 -12.86 -30.78
C SER A 5 17.65 -13.90 -29.67
N ALA A 6 18.88 -14.15 -29.23
CA ALA A 6 19.11 -15.18 -28.22
C ALA A 6 18.46 -14.77 -26.89
N GLN A 7 18.64 -13.51 -26.49
CA GLN A 7 18.02 -13.03 -25.26
C GLN A 7 16.50 -13.10 -25.39
N ALA A 8 15.95 -12.81 -26.57
CA ALA A 8 14.51 -12.82 -26.77
C ALA A 8 14.00 -14.26 -26.59
N ARG A 9 14.77 -15.24 -27.08
CA ARG A 9 14.40 -16.63 -26.93
C ARG A 9 14.41 -17.02 -25.42
N PHE A 10 15.44 -16.63 -24.69
CA PHE A 10 15.52 -16.95 -23.27
C PHE A 10 14.34 -16.27 -22.52
N ALA A 11 14.01 -15.05 -22.91
CA ALA A 11 12.89 -14.34 -22.29
C ALA A 11 11.56 -15.03 -22.58
N THR A 12 11.36 -15.48 -23.83
CA THR A 12 10.19 -16.25 -24.16
C THR A 12 10.08 -17.50 -23.27
N ASP A 13 11.16 -18.21 -23.10
CA ASP A 13 11.20 -19.42 -22.29
C ASP A 13 10.95 -19.10 -20.81
N ALA A 14 11.54 -18.02 -20.31
CA ALA A 14 11.29 -17.60 -18.93
C ALA A 14 9.78 -17.35 -18.72
N LYS A 15 9.14 -16.69 -19.69
CA LYS A 15 7.72 -16.43 -19.57
C LYS A 15 6.92 -17.73 -19.59
N ALA A 16 7.28 -18.67 -20.46
CA ALA A 16 6.56 -19.92 -20.51
C ALA A 16 6.70 -20.69 -19.18
N ALA A 17 7.88 -20.67 -18.60
CA ALA A 17 8.13 -21.31 -17.28
C ALA A 17 7.25 -20.66 -16.20
N ALA A 18 7.18 -19.33 -16.21
CA ALA A 18 6.35 -18.58 -15.28
C ALA A 18 4.87 -18.98 -15.44
N VAL A 19 4.39 -19.00 -16.70
CA VAL A 19 3.00 -19.30 -16.93
C VAL A 19 2.67 -20.70 -16.37
N GLN A 20 3.54 -21.67 -16.60
CA GLN A 20 3.15 -23.03 -16.22
C GLN A 20 3.02 -23.16 -14.69
N VAL A 21 3.83 -22.42 -13.94
CA VAL A 21 3.74 -22.45 -12.49
C VAL A 21 2.52 -21.63 -12.03
N LEU A 22 2.28 -20.48 -12.66
CA LEU A 22 1.16 -19.63 -12.28
C LEU A 22 -0.13 -20.41 -12.51
N GLU A 23 -0.20 -21.14 -13.61
CA GLU A 23 -1.42 -21.91 -13.93
C GLU A 23 -1.67 -22.98 -12.87
N ARG A 24 -0.65 -23.74 -12.53
CA ARG A 24 -0.81 -24.85 -11.59
C ARG A 24 -1.17 -24.33 -10.20
N ARG A 25 -0.50 -23.27 -9.74
CA ARG A 25 -0.75 -22.78 -8.39
C ARG A 25 -2.12 -22.07 -8.31
N SER A 26 -2.53 -21.36 -9.36
CA SER A 26 -3.84 -20.76 -9.39
C SER A 26 -4.93 -21.81 -9.38
N ALA A 27 -4.69 -22.92 -10.10
CA ALA A 27 -5.72 -23.98 -10.12
C ALA A 27 -5.89 -24.58 -8.73
N GLU A 28 -4.83 -24.65 -7.93
CA GLU A 28 -4.94 -25.14 -6.54
C GLU A 28 -5.86 -24.22 -5.72
N VAL A 29 -5.73 -22.91 -5.91
CA VAL A 29 -6.51 -21.95 -5.16
C VAL A 29 -8.02 -22.14 -5.48
N LEU A 30 -8.30 -22.46 -6.75
CA LEU A 30 -9.66 -22.57 -7.23
C LEU A 30 -10.26 -23.96 -7.08
N LYS A 31 -9.52 -24.93 -6.55
CA LYS A 31 -9.94 -26.34 -6.46
C LYS A 31 -11.05 -26.45 -5.42
N SER A 32 -12.01 -27.33 -5.70
CA SER A 32 -12.98 -27.72 -4.69
C SER A 32 -13.13 -29.24 -4.66
N GLU A 33 -13.78 -29.71 -3.62
CA GLU A 33 -13.98 -31.15 -3.37
C GLU A 33 -15.30 -31.31 -2.63
N ILE A 34 -15.98 -32.42 -2.88
CA ILE A 34 -17.18 -32.83 -2.13
C ILE A 34 -16.73 -33.60 -0.91
N VAL A 35 -17.28 -33.23 0.26
CA VAL A 35 -16.92 -33.85 1.53
C VAL A 35 -18.23 -34.17 2.26
N PRO A 36 -18.19 -35.12 3.20
CA PRO A 36 -19.38 -35.38 4.04
C PRO A 36 -19.59 -34.29 5.10
N ALA A 37 -20.77 -34.27 5.70
CA ALA A 37 -21.18 -33.27 6.65
C ALA A 37 -20.24 -33.31 7.87
N LEU A 38 -19.58 -34.47 8.11
CA LEU A 38 -18.66 -34.60 9.28
C LEU A 38 -17.27 -33.97 9.01
N SER A 39 -16.98 -33.58 7.76
CA SER A 39 -15.69 -33.03 7.43
C SER A 39 -15.51 -31.68 8.10
N PRO A 40 -14.32 -31.45 8.69
CA PRO A 40 -14.00 -30.15 9.26
C PRO A 40 -13.77 -29.08 8.19
N TYR A 41 -13.65 -29.51 6.93
CA TYR A 41 -13.32 -28.60 5.86
C TYR A 41 -14.55 -28.21 5.02
N LYS A 42 -15.75 -28.57 5.49
CA LYS A 42 -16.93 -28.24 4.75
C LYS A 42 -17.16 -26.74 4.73
N ASP A 43 -17.64 -26.25 3.58
CA ASP A 43 -17.89 -24.81 3.39
C ASP A 43 -19.36 -24.50 3.09
N ALA A 44 -19.99 -25.22 2.16
CA ALA A 44 -21.40 -25.00 1.85
C ALA A 44 -22.06 -26.33 1.55
N PRO A 45 -23.30 -26.58 2.05
CA PRO A 45 -23.98 -27.83 1.71
C PRO A 45 -24.40 -27.86 0.25
N LEU A 46 -24.32 -29.04 -0.39
CA LEU A 46 -24.77 -29.16 -1.79
C LEU A 46 -26.26 -28.80 -1.91
N ASP A 47 -27.02 -29.16 -0.89
CA ASP A 47 -28.42 -28.77 -0.82
C ASP A 47 -28.68 -28.05 0.49
N PRO A 48 -29.03 -26.75 0.45
CA PRO A 48 -29.17 -25.98 1.68
C PRO A 48 -30.24 -26.60 2.58
N ASP A 49 -31.15 -27.38 2.00
CA ASP A 49 -32.25 -27.94 2.80
C ASP A 49 -31.83 -29.29 3.40
N ASN A 50 -30.63 -29.77 3.08
CA ASN A 50 -30.12 -31.05 3.61
C ASN A 50 -28.67 -30.91 4.08
N PRO A 51 -28.45 -30.21 5.21
CA PRO A 51 -27.11 -30.08 5.78
C PRO A 51 -26.50 -31.41 6.30
N SER A 52 -27.33 -32.48 6.41
CA SER A 52 -26.79 -33.79 6.84
C SER A 52 -26.14 -34.47 5.64
N GLY A 53 -26.39 -33.93 4.42
CA GLY A 53 -25.83 -34.52 3.21
C GLY A 53 -24.42 -34.01 2.95
N ASN A 54 -23.97 -34.19 1.71
CA ASN A 54 -22.61 -33.77 1.32
C ASN A 54 -22.54 -32.24 1.24
N TRP A 55 -21.30 -31.76 1.38
CA TRP A 55 -20.95 -30.34 1.34
C TRP A 55 -19.87 -30.15 0.28
N ARG A 56 -19.76 -28.93 -0.22
CA ARG A 56 -18.59 -28.53 -1.01
C ARG A 56 -17.57 -27.88 -0.07
N SER A 57 -16.31 -28.18 -0.36
CA SER A 57 -15.17 -27.63 0.33
C SER A 57 -14.29 -26.91 -0.69
N PHE A 58 -13.96 -25.65 -0.40
CA PHE A 58 -13.14 -24.84 -1.28
C PHE A 58 -11.74 -24.66 -0.70
N TYR A 59 -10.74 -25.04 -1.49
CA TYR A 59 -9.34 -24.85 -1.09
C TYR A 59 -9.02 -23.36 -1.00
N PHE A 60 -9.85 -22.52 -1.64
CA PHE A 60 -9.68 -21.08 -1.51
C PHE A 60 -9.57 -20.69 -0.04
N VAL A 61 -10.47 -21.23 0.78
CA VAL A 61 -10.52 -20.87 2.21
C VAL A 61 -9.21 -21.28 2.89
N ASP A 62 -8.70 -22.47 2.60
CA ASP A 62 -7.49 -22.94 3.21
C ASP A 62 -6.30 -22.03 2.83
N TYR A 63 -6.19 -21.70 1.54
CA TYR A 63 -5.05 -20.83 1.12
C TYR A 63 -5.21 -19.42 1.72
N TYR A 64 -6.43 -18.89 1.67
CA TYR A 64 -6.67 -17.52 2.09
C TYR A 64 -6.27 -17.36 3.57
N PHE A 65 -6.70 -18.24 4.44
CA PHE A 65 -6.46 -18.12 5.89
C PHE A 65 -5.11 -18.72 6.31
N SER A 66 -4.46 -19.56 5.47
CA SER A 66 -3.22 -20.18 5.92
C SER A 66 -1.98 -19.41 5.46
N CYS A 67 -2.13 -18.58 4.41
CA CYS A 67 -0.95 -18.08 3.71
C CYS A 67 -0.92 -16.57 3.71
N PRO A 68 0.23 -15.95 4.07
CA PRO A 68 1.48 -16.66 4.38
C PRO A 68 1.61 -17.21 5.80
N THR A 69 0.72 -16.78 6.66
CA THR A 69 0.64 -17.26 8.02
C THR A 69 -0.80 -17.62 8.34
N ARG A 70 -0.98 -18.51 9.31
CA ARG A 70 -2.32 -18.98 9.67
C ARG A 70 -3.05 -17.92 10.51
N VAL A 71 -4.29 -17.62 10.10
CA VAL A 71 -5.21 -16.73 10.80
C VAL A 71 -6.52 -17.50 11.02
N ALA A 72 -7.12 -17.41 12.21
CA ALA A 72 -8.42 -18.01 12.42
C ALA A 72 -9.47 -17.28 11.63
N PRO A 73 -10.35 -18.04 10.92
CA PRO A 73 -11.51 -17.42 10.29
C PRO A 73 -12.54 -17.00 11.35
N SER A 74 -13.52 -16.25 10.90
CA SER A 74 -14.70 -15.92 11.70
C SER A 74 -15.47 -17.19 12.00
N PRO A 75 -16.38 -17.16 12.99
CA PRO A 75 -17.18 -18.35 13.30
C PRO A 75 -18.04 -18.86 12.14
N LYS A 76 -18.22 -18.01 11.13
CA LYS A 76 -19.03 -18.38 9.99
C LYS A 76 -18.33 -19.37 9.04
N GLN A 77 -17.00 -19.46 9.12
CA GLN A 77 -16.21 -20.35 8.25
C GLN A 77 -15.34 -21.28 9.10
N ARG A 78 -15.40 -22.57 8.78
CA ARG A 78 -14.55 -23.58 9.38
C ARG A 78 -14.59 -23.49 10.91
N GLY A 79 -15.77 -23.16 11.47
CA GLY A 79 -15.93 -23.15 12.91
C GLY A 79 -15.05 -22.14 13.62
N GLY A 80 -14.56 -21.13 12.89
CA GLY A 80 -13.75 -20.08 13.44
C GLY A 80 -12.40 -20.57 13.96
N SER A 81 -11.92 -21.74 13.49
CA SER A 81 -10.75 -22.41 14.06
C SER A 81 -9.68 -22.72 13.01
N VAL A 82 -8.44 -22.38 13.34
CA VAL A 82 -7.34 -22.80 12.50
C VAL A 82 -7.16 -24.32 12.46
N ALA A 83 -7.69 -25.05 13.44
CA ALA A 83 -7.63 -26.49 13.41
C ALA A 83 -8.44 -27.05 12.21
N ASN A 84 -9.34 -26.24 11.64
CA ASN A 84 -10.18 -26.69 10.56
C ASN A 84 -9.71 -26.11 9.22
N LEU A 85 -8.47 -25.67 9.15
CA LEU A 85 -7.78 -25.41 7.86
C LEU A 85 -6.89 -26.60 7.53
N ARG A 86 -6.82 -26.92 6.24
CA ARG A 86 -6.10 -28.12 5.82
C ARG A 86 -4.62 -27.97 6.15
N PRO A 87 -4.00 -29.00 6.77
CA PRO A 87 -2.59 -28.93 7.13
C PRO A 87 -1.62 -29.19 5.95
N GLY A 88 -2.07 -29.81 4.87
CA GLY A 88 -0.98 -30.26 3.93
C GLY A 88 -0.35 -29.18 3.05
N LEU A 89 -0.69 -27.89 3.23
CA LEU A 89 -0.56 -26.94 2.13
C LEU A 89 0.79 -26.23 2.18
N THR A 90 1.31 -25.93 0.99
CA THR A 90 2.51 -25.14 0.85
C THR A 90 2.11 -23.78 0.23
N CYS A 91 2.59 -22.68 0.82
CA CYS A 91 2.20 -21.30 0.45
C CYS A 91 3.18 -20.72 -0.59
N SER A 92 4.41 -21.20 -0.61
CA SER A 92 5.48 -20.61 -1.44
C SER A 92 6.57 -21.64 -1.66
N GLY A 93 7.37 -21.39 -2.68
CA GLY A 93 8.45 -22.28 -3.01
C GLY A 93 9.10 -21.87 -4.31
N THR A 94 9.91 -22.78 -4.85
CA THR A 94 10.59 -22.59 -6.10
C THR A 94 10.46 -23.88 -6.91
N GLU A 95 9.94 -23.77 -8.11
CA GLU A 95 9.91 -24.90 -9.03
C GLU A 95 10.99 -24.68 -10.10
N THR A 96 11.62 -25.75 -10.56
CA THR A 96 12.58 -25.65 -11.67
C THR A 96 11.90 -26.23 -12.92
N ILE A 97 11.78 -25.38 -13.94
CA ILE A 97 11.07 -25.70 -15.17
C ILE A 97 12.11 -25.65 -16.29
N PHE A 98 12.47 -26.83 -16.82
CA PHE A 98 13.52 -26.89 -17.86
C PHE A 98 14.73 -26.05 -17.49
N GLY A 99 15.19 -26.21 -16.24
CA GLY A 99 16.37 -25.53 -15.76
C GLY A 99 16.18 -24.07 -15.39
N ILE A 100 14.97 -23.57 -15.46
CA ILE A 100 14.64 -22.21 -15.12
C ILE A 100 13.96 -22.22 -13.75
N PRO A 101 14.54 -21.60 -12.72
CA PRO A 101 13.91 -21.51 -11.42
C PRO A 101 12.78 -20.50 -11.43
N VAL A 102 11.64 -20.91 -10.86
CA VAL A 102 10.46 -20.05 -10.79
C VAL A 102 10.06 -19.99 -9.31
N ALA A 103 10.23 -18.82 -8.71
CA ALA A 103 9.74 -18.56 -7.35
C ALA A 103 8.24 -18.37 -7.45
N TRP A 104 7.48 -18.91 -6.51
CA TRP A 104 6.04 -18.78 -6.53
C TRP A 104 5.54 -18.51 -5.11
N ASP A 105 4.41 -17.81 -5.04
CA ASP A 105 3.81 -17.48 -3.72
C ASP A 105 2.31 -17.31 -3.86
N ILE A 106 1.59 -17.99 -2.97
CA ILE A 106 0.17 -17.83 -2.79
C ILE A 106 -0.09 -17.13 -1.46
N ARG A 107 -0.91 -16.10 -1.45
CA ARG A 107 -1.27 -15.52 -0.15
C ARG A 107 -2.64 -14.84 -0.20
N GLY A 108 -3.31 -14.90 0.94
CA GLY A 108 -4.47 -14.11 1.12
C GLY A 108 -4.12 -12.65 1.36
N GLU A 109 -4.97 -11.78 0.89
CA GLU A 109 -4.81 -10.36 1.17
C GLU A 109 -5.52 -9.98 2.46
N ASN A 110 -5.13 -8.82 2.99
CA ASN A 110 -5.62 -8.50 4.31
C ASN A 110 -6.31 -7.15 4.32
N GLY A 111 -6.97 -6.87 5.45
CA GLY A 111 -7.77 -5.66 5.58
C GLY A 111 -9.07 -5.75 4.80
N ILE A 112 -9.87 -4.68 4.86
CA ILE A 112 -11.21 -4.76 4.26
C ILE A 112 -11.08 -4.97 2.75
N LEU A 113 -10.10 -4.29 2.13
CA LEU A 113 -9.83 -4.33 0.72
C LEU A 113 -9.41 -5.74 0.28
N GLY A 114 -8.73 -6.46 1.17
CA GLY A 114 -8.20 -7.82 0.87
C GLY A 114 -9.17 -8.94 1.18
N GLU A 115 -10.34 -8.65 1.78
CA GLU A 115 -11.35 -9.65 2.09
C GLU A 115 -11.69 -10.48 0.85
N GLY A 116 -11.54 -11.81 0.97
CA GLY A 116 -11.91 -12.75 -0.08
C GLY A 116 -11.04 -12.63 -1.33
N VAL A 117 -9.80 -12.17 -1.18
CA VAL A 117 -8.86 -12.08 -2.29
C VAL A 117 -7.62 -12.90 -1.99
N VAL A 118 -7.20 -13.68 -2.98
CA VAL A 118 -5.93 -14.43 -2.94
C VAL A 118 -5.10 -14.02 -4.16
N THR A 119 -3.83 -13.72 -3.93
CA THR A 119 -2.92 -13.44 -5.06
C THR A 119 -1.96 -14.61 -5.26
N VAL A 120 -1.60 -14.86 -6.52
CA VAL A 120 -0.61 -15.83 -6.87
C VAL A 120 0.41 -15.09 -7.73
N VAL A 121 1.66 -15.12 -7.28
CA VAL A 121 2.72 -14.32 -7.96
C VAL A 121 3.92 -15.21 -8.20
N VAL A 122 4.46 -15.17 -9.42
CA VAL A 122 5.58 -15.97 -9.79
C VAL A 122 6.65 -15.06 -10.42
N THR A 123 7.89 -15.50 -10.28
CA THR A 123 9.06 -14.87 -10.94
C THR A 123 9.98 -15.98 -11.45
N ALA A 124 10.12 -16.01 -12.77
CA ALA A 124 11.07 -16.93 -13.45
C ALA A 124 12.38 -16.16 -13.69
N THR A 125 13.50 -16.75 -13.27
CA THR A 125 14.79 -16.12 -13.49
C THR A 125 15.61 -17.04 -14.40
N HIS A 126 15.72 -16.67 -15.66
CA HIS A 126 16.48 -17.49 -16.63
C HIS A 126 17.96 -17.48 -16.25
N PRO A 127 18.64 -18.64 -16.26
CA PRO A 127 20.07 -18.66 -15.98
C PRO A 127 20.89 -17.71 -16.87
N ARG A 128 20.40 -17.40 -18.07
CA ARG A 128 21.14 -16.52 -19.01
C ARG A 128 20.73 -15.05 -18.85
N GLY A 129 19.84 -14.75 -17.89
CA GLY A 129 19.54 -13.35 -17.53
C GLY A 129 18.06 -13.00 -17.41
N PRO A 130 17.25 -13.18 -18.46
CA PRO A 130 15.89 -12.62 -18.45
C PRO A 130 14.99 -13.12 -17.31
N LYS A 131 14.24 -12.17 -16.74
CA LYS A 131 13.34 -12.42 -15.64
C LYS A 131 11.94 -12.06 -16.12
N VAL A 132 10.96 -12.83 -15.66
CA VAL A 132 9.57 -12.57 -15.94
C VAL A 132 8.75 -12.77 -14.66
N THR A 133 7.98 -11.75 -14.31
CA THR A 133 7.13 -11.77 -13.09
C THR A 133 5.68 -11.61 -13.52
N LEU A 134 4.87 -12.62 -13.16
CA LEU A 134 3.48 -12.68 -13.48
C LEU A 134 2.66 -12.87 -12.21
N GLY A 135 1.47 -12.33 -12.24
CA GLY A 135 0.50 -12.49 -11.15
C GLY A 135 -0.90 -12.83 -11.64
N ARG A 136 -1.65 -13.44 -10.74
CA ARG A 136 -3.06 -13.65 -10.93
C ARG A 136 -3.80 -13.31 -9.65
N ARG A 137 -4.87 -12.54 -9.77
CA ARG A 137 -5.70 -12.16 -8.61
C ARG A 137 -6.98 -12.96 -8.66
N VAL A 138 -7.18 -13.76 -7.62
CA VAL A 138 -8.34 -14.63 -7.54
C VAL A 138 -9.23 -14.15 -6.40
N THR A 139 -10.55 -14.05 -6.63
CA THR A 139 -11.44 -13.69 -5.55
C THR A 139 -12.37 -14.87 -5.23
N CYS A 140 -12.98 -14.78 -4.06
CA CYS A 140 -13.88 -15.81 -3.62
C CYS A 140 -15.07 -15.96 -4.58
N TYR A 141 -15.35 -14.96 -5.41
CA TYR A 141 -16.45 -15.00 -6.38
C TYR A 141 -16.12 -15.84 -7.61
N ASP A 142 -14.86 -16.23 -7.77
CA ASP A 142 -14.38 -16.91 -8.94
C ASP A 142 -14.50 -18.44 -8.82
N VAL A 143 -14.82 -18.97 -7.63
CA VAL A 143 -15.02 -20.39 -7.52
C VAL A 143 -16.36 -20.77 -8.17
N TYR A 144 -16.52 -22.05 -8.46
CA TYR A 144 -17.79 -22.61 -8.94
C TYR A 144 -18.35 -23.58 -7.90
N PRO A 145 -19.66 -23.53 -7.56
CA PRO A 145 -20.55 -22.47 -8.02
C PRO A 145 -20.24 -21.10 -7.41
N SER A 146 -20.69 -20.04 -8.08
CA SER A 146 -20.56 -18.67 -7.64
C SER A 146 -21.26 -18.51 -6.31
N PRO A 147 -20.63 -17.82 -5.34
CA PRO A 147 -21.31 -17.39 -4.13
C PRO A 147 -22.51 -16.51 -4.48
N THR A 148 -23.50 -16.55 -3.61
CA THR A 148 -24.70 -15.75 -3.74
C THR A 148 -24.91 -15.00 -2.43
N GLN A 149 -25.90 -14.12 -2.40
CA GLN A 149 -26.23 -13.44 -1.17
C GLN A 149 -26.61 -14.44 -0.09
N ASP A 150 -27.40 -15.46 -0.46
CA ASP A 150 -27.92 -16.45 0.45
C ASP A 150 -26.85 -17.46 0.85
N GLN A 151 -25.86 -17.66 -0.04
CA GLN A 151 -24.84 -18.68 0.12
C GLN A 151 -23.50 -18.04 -0.21
N PRO A 152 -22.90 -17.34 0.77
CA PRO A 152 -21.73 -16.51 0.51
C PRO A 152 -20.41 -17.28 0.42
N ALA A 153 -20.38 -18.52 0.89
CA ALA A 153 -19.11 -19.25 0.96
C ALA A 153 -18.55 -19.44 -0.45
N PRO A 154 -17.23 -19.32 -0.69
CA PRO A 154 -16.20 -19.16 0.34
C PRO A 154 -15.82 -17.73 0.74
N CYS A 155 -16.63 -16.73 0.36
CA CYS A 155 -16.39 -15.38 0.79
C CYS A 155 -16.59 -15.29 2.31
N PRO A 156 -15.77 -14.49 3.00
CA PRO A 156 -15.95 -14.27 4.42
C PRO A 156 -17.08 -13.27 4.63
N PRO A 157 -17.69 -13.24 5.82
CA PRO A 157 -18.60 -12.17 6.15
C PRO A 157 -17.80 -10.88 6.26
N PRO A 158 -18.41 -9.68 6.15
CA PRO A 158 -17.68 -8.44 6.37
C PRO A 158 -16.93 -8.50 7.69
N GLY A 159 -15.64 -8.11 7.65
CA GLY A 159 -14.79 -8.12 8.80
C GLY A 159 -14.25 -9.48 9.17
N GLY A 160 -14.55 -10.51 8.37
CA GLY A 160 -14.18 -11.87 8.69
C GLY A 160 -12.99 -12.39 7.89
N GLY A 161 -12.26 -11.50 7.23
CA GLY A 161 -11.04 -11.87 6.54
C GLY A 161 -9.80 -11.77 7.40
N ARG A 162 -8.64 -11.65 6.75
CA ARG A 162 -7.39 -11.50 7.46
C ARG A 162 -7.29 -10.07 8.00
N PRO A 163 -6.85 -9.87 9.24
CA PRO A 163 -6.76 -8.52 9.78
C PRO A 163 -5.81 -7.63 8.96
N GLY A 164 -6.14 -6.35 8.80
CA GLY A 164 -5.26 -5.39 8.10
C GLY A 164 -3.87 -5.33 8.72
N SER A 165 -2.84 -5.29 7.88
CA SER A 165 -1.45 -5.33 8.39
C SER A 165 -0.94 -3.90 8.69
N GLY A 166 -1.51 -2.90 8.01
CA GLY A 166 -1.11 -1.53 8.25
C GLY A 166 0.07 -1.12 7.38
N SER A 167 0.02 0.08 6.84
CA SER A 167 1.17 0.60 6.08
C SER A 167 1.00 2.12 5.98
N TRP A 168 2.08 2.84 6.31
CA TRP A 168 2.04 4.27 6.20
C TRP A 168 3.17 4.72 5.26
N SER A 169 2.82 5.04 4.03
CA SER A 169 3.86 5.48 3.09
C SER A 169 3.61 6.95 2.74
N HIS A 170 4.70 7.66 2.52
CA HIS A 170 4.64 9.06 2.20
C HIS A 170 6.00 9.47 1.68
N PRO A 171 6.05 10.30 0.64
CA PRO A 171 7.32 10.76 0.11
C PRO A 171 8.18 11.50 1.12
N GLN A 172 7.52 12.09 2.13
CA GLN A 172 8.27 12.79 3.16
C GLN A 172 9.18 11.84 3.96
N PHE A 173 8.85 10.54 3.96
CA PHE A 173 9.60 9.51 4.66
C PHE A 173 10.81 9.05 3.81
N ASN B 1 -24.54 -30.60 -13.46
CA ASN B 1 -23.10 -30.71 -13.74
C ASN B 1 -22.79 -30.06 -15.10
N LEU B 2 -23.78 -29.92 -15.99
CA LEU B 2 -23.63 -29.23 -17.31
C LEU B 2 -23.03 -27.84 -17.13
N ARG B 3 -23.59 -27.13 -16.15
CA ARG B 3 -23.24 -25.80 -15.94
C ARG B 3 -21.75 -25.76 -15.55
N ALA B 4 -21.30 -26.71 -14.74
CA ALA B 4 -19.91 -26.69 -14.26
C ALA B 4 -18.96 -26.79 -15.46
N SER B 5 -19.28 -27.68 -16.40
CA SER B 5 -18.46 -27.90 -17.58
C SER B 5 -18.39 -26.62 -18.45
N ALA B 6 -19.54 -26.01 -18.63
CA ALA B 6 -19.70 -24.85 -19.48
C ALA B 6 -18.92 -23.68 -18.88
N GLN B 7 -19.07 -23.48 -17.56
CA GLN B 7 -18.42 -22.37 -16.90
C GLN B 7 -16.91 -22.59 -16.95
N ALA B 8 -16.44 -23.83 -16.82
CA ALA B 8 -14.99 -24.09 -16.88
C ALA B 8 -14.44 -23.74 -18.27
N ARG B 9 -15.23 -23.99 -19.32
CA ARG B 9 -14.81 -23.68 -20.66
C ARG B 9 -14.75 -22.17 -20.84
N PHE B 10 -15.78 -21.47 -20.37
CA PHE B 10 -15.83 -20.00 -20.44
C PHE B 10 -14.66 -19.41 -19.65
N ALA B 11 -14.32 -20.02 -18.52
CA ALA B 11 -13.17 -19.51 -17.72
C ALA B 11 -11.84 -19.71 -18.47
N THR B 12 -11.70 -20.84 -19.14
CA THR B 12 -10.52 -21.11 -19.95
C THR B 12 -10.41 -20.08 -21.07
N ASP B 13 -11.53 -19.77 -21.72
CA ASP B 13 -11.58 -18.79 -22.80
C ASP B 13 -11.25 -17.38 -22.29
N ALA B 14 -11.79 -17.01 -21.13
CA ALA B 14 -11.53 -15.72 -20.50
C ALA B 14 -10.04 -15.61 -20.21
N LYS B 15 -9.46 -16.70 -19.70
CA LYS B 15 -8.01 -16.65 -19.42
C LYS B 15 -7.22 -16.44 -20.70
N ALA B 16 -7.57 -17.16 -21.77
CA ALA B 16 -6.83 -17.00 -23.02
C ALA B 16 -6.93 -15.56 -23.55
N ALA B 17 -8.08 -14.93 -23.44
CA ALA B 17 -8.26 -13.56 -23.89
C ALA B 17 -7.39 -12.62 -23.04
N ALA B 18 -7.39 -12.82 -21.71
CA ALA B 18 -6.56 -11.99 -20.84
C ALA B 18 -5.09 -12.14 -21.22
N VAL B 19 -4.62 -13.38 -21.44
CA VAL B 19 -3.20 -13.60 -21.74
C VAL B 19 -2.81 -12.81 -23.00
N GLN B 20 -3.65 -12.89 -24.04
CA GLN B 20 -3.35 -12.29 -25.36
C GLN B 20 -3.14 -10.77 -25.18
N VAL B 21 -4.04 -10.14 -24.43
CA VAL B 21 -3.97 -8.70 -24.21
C VAL B 21 -2.78 -8.36 -23.30
N LEU B 22 -2.55 -9.13 -22.25
CA LEU B 22 -1.41 -8.90 -21.38
C LEU B 22 -0.10 -8.99 -22.16
N GLU B 23 0.00 -9.96 -23.08
CA GLU B 23 1.23 -10.13 -23.90
C GLU B 23 1.41 -8.91 -24.80
N ARG B 24 0.34 -8.45 -25.44
CA ARG B 24 0.48 -7.37 -26.42
C ARG B 24 0.83 -6.07 -25.70
N ARG B 25 0.18 -5.79 -24.56
CA ARG B 25 0.47 -4.54 -23.86
C ARG B 25 1.85 -4.58 -23.18
N SER B 26 2.28 -5.74 -22.66
CA SER B 26 3.62 -5.85 -22.05
C SER B 26 4.70 -5.68 -23.11
N ALA B 27 4.46 -6.22 -24.31
CA ALA B 27 5.43 -6.05 -25.41
C ALA B 27 5.61 -4.59 -25.78
N GLU B 28 4.55 -3.81 -25.72
CA GLU B 28 4.62 -2.36 -25.97
C GLU B 28 5.54 -1.67 -24.96
N VAL B 29 5.44 -2.04 -23.69
CA VAL B 29 6.25 -1.46 -22.65
C VAL B 29 7.74 -1.78 -22.91
N LEU B 30 8.04 -2.99 -23.44
CA LEU B 30 9.39 -3.47 -23.63
C LEU B 30 9.98 -3.10 -24.99
N LYS B 31 9.19 -2.42 -25.82
CA LYS B 31 9.60 -2.10 -27.19
C LYS B 31 10.74 -1.07 -27.17
N SER B 32 11.65 -1.19 -28.14
CA SER B 32 12.69 -0.20 -28.36
C SER B 32 12.76 0.09 -29.85
N GLU B 33 13.38 1.24 -30.19
CA GLU B 33 13.53 1.68 -31.57
C GLU B 33 14.85 2.44 -31.68
N ILE B 34 15.47 2.38 -32.85
CA ILE B 34 16.67 3.13 -33.12
C ILE B 34 16.26 4.51 -33.65
N VAL B 35 16.90 5.55 -33.10
CA VAL B 35 16.60 6.91 -33.46
C VAL B 35 17.91 7.67 -33.64
N PRO B 36 17.90 8.77 -34.41
CA PRO B 36 19.10 9.58 -34.59
C PRO B 36 19.41 10.41 -33.34
N ALA B 37 20.64 10.94 -33.28
CA ALA B 37 21.13 11.71 -32.12
C ALA B 37 20.27 12.96 -31.86
N LEU B 38 19.56 13.45 -32.89
CA LEU B 38 18.73 14.64 -32.72
C LEU B 38 17.32 14.28 -32.18
N SER B 39 17.00 12.99 -32.04
CA SER B 39 15.66 12.60 -31.57
C SER B 39 15.45 13.05 -30.13
N PRO B 40 14.27 13.64 -29.84
CA PRO B 40 13.91 13.98 -28.46
C PRO B 40 13.68 12.73 -27.60
N TYR B 41 13.60 11.55 -28.24
CA TYR B 41 13.27 10.31 -27.52
C TYR B 41 14.50 9.41 -27.31
N LYS B 42 15.69 9.93 -27.63
CA LYS B 42 16.89 9.16 -27.44
C LYS B 42 17.11 8.84 -25.96
N ASP B 43 17.56 7.59 -25.68
CA ASP B 43 17.86 7.16 -24.31
C ASP B 43 19.32 6.77 -24.14
N ALA B 44 19.85 5.93 -25.03
CA ALA B 44 21.23 5.50 -24.89
C ALA B 44 21.87 5.45 -26.27
N PRO B 45 23.15 5.85 -26.40
CA PRO B 45 23.83 5.76 -27.69
C PRO B 45 24.12 4.30 -28.03
N LEU B 46 24.00 3.94 -29.31
CA LEU B 46 24.33 2.55 -29.72
C LEU B 46 25.81 2.25 -29.48
N ASP B 47 26.66 3.26 -29.69
CA ASP B 47 28.09 3.17 -29.43
C ASP B 47 28.45 4.14 -28.31
N PRO B 48 28.93 3.63 -27.16
CA PRO B 48 29.27 4.48 -26.02
C PRO B 48 30.43 5.46 -26.24
N ASP B 49 31.11 5.37 -27.38
CA ASP B 49 32.18 6.30 -27.70
C ASP B 49 31.73 7.30 -28.78
N ASN B 50 30.49 7.14 -29.29
CA ASN B 50 30.05 7.94 -30.42
C ASN B 50 28.63 8.42 -30.23
N PRO B 51 28.43 9.45 -29.37
CA PRO B 51 27.11 10.05 -29.18
C PRO B 51 26.53 10.76 -30.41
N SER B 52 27.34 10.96 -31.46
CA SER B 52 26.83 11.64 -32.69
C SER B 52 26.11 10.62 -33.57
N GLY B 53 26.39 9.33 -33.35
CA GLY B 53 25.74 8.22 -34.04
C GLY B 53 24.30 7.99 -33.58
N ASN B 54 23.71 6.88 -34.00
CA ASN B 54 22.31 6.56 -33.62
C ASN B 54 22.21 6.15 -32.15
N TRP B 55 20.98 6.21 -31.64
CA TRP B 55 20.68 5.94 -30.27
C TRP B 55 19.55 4.93 -30.21
N ARG B 56 19.45 4.23 -29.09
CA ARG B 56 18.27 3.44 -28.79
C ARG B 56 17.31 4.28 -27.94
N SER B 57 16.01 4.11 -28.19
CA SER B 57 14.91 4.73 -27.49
C SER B 57 14.04 3.62 -26.94
N PHE B 58 13.76 3.70 -25.62
CA PHE B 58 12.94 2.70 -24.96
C PHE B 58 11.54 3.26 -24.67
N TYR B 59 10.53 2.57 -25.18
CA TYR B 59 9.15 2.97 -24.89
C TYR B 59 8.87 2.84 -23.39
N PHE B 60 9.63 2.02 -22.69
CA PHE B 60 9.49 1.90 -21.23
C PHE B 60 9.40 3.30 -20.61
N VAL B 61 10.29 4.19 -21.06
CA VAL B 61 10.33 5.55 -20.50
C VAL B 61 9.03 6.29 -20.75
N ASP B 62 8.53 6.22 -21.98
CA ASP B 62 7.30 6.88 -22.35
C ASP B 62 6.13 6.37 -21.50
N TYR B 63 6.01 5.06 -21.37
CA TYR B 63 4.87 4.53 -20.60
C TYR B 63 5.05 4.86 -19.11
N TYR B 64 6.25 4.69 -18.57
CA TYR B 64 6.52 4.93 -17.15
C TYR B 64 6.14 6.37 -16.75
N PHE B 65 6.57 7.36 -17.52
CA PHE B 65 6.34 8.74 -17.18
C PHE B 65 4.98 9.27 -17.69
N SER B 66 4.31 8.58 -18.61
CA SER B 66 3.06 9.10 -19.17
C SER B 66 1.82 8.52 -18.50
N CYS B 67 1.95 7.39 -17.81
CA CYS B 67 0.79 6.59 -17.44
C CYS B 67 0.76 6.39 -15.93
N PRO B 68 -0.40 6.64 -15.25
CA PRO B 68 -1.67 7.06 -15.85
C PRO B 68 -1.79 8.55 -16.17
N THR B 69 -0.85 9.32 -15.68
CA THR B 69 -0.77 10.76 -15.90
C THR B 69 0.68 11.12 -16.21
N ARG B 70 0.89 12.20 -16.95
CA ARG B 70 2.22 12.61 -17.39
C ARG B 70 2.93 13.36 -16.26
N VAL B 71 4.13 12.91 -15.97
CA VAL B 71 5.05 13.44 -14.95
C VAL B 71 6.38 13.71 -15.66
N ALA B 72 6.99 14.86 -15.39
CA ALA B 72 8.31 15.17 -15.95
C ALA B 72 9.37 14.24 -15.39
N PRO B 73 10.23 13.65 -16.24
CA PRO B 73 11.38 12.92 -15.74
C PRO B 73 12.42 13.89 -15.15
N SER B 74 13.44 13.32 -14.53
CA SER B 74 14.60 14.06 -14.02
C SER B 74 15.36 14.63 -15.22
N PRO B 75 16.23 15.64 -15.02
CA PRO B 75 16.93 16.23 -16.15
C PRO B 75 17.82 15.25 -16.94
N LYS B 76 18.17 14.11 -16.34
CA LYS B 76 19.03 13.10 -17.01
C LYS B 76 18.25 12.24 -18.03
N GLN B 77 16.93 12.28 -17.99
CA GLN B 77 16.15 11.43 -18.89
C GLN B 77 15.22 12.34 -19.67
N ARG B 78 15.28 12.21 -20.98
CA ARG B 78 14.45 12.94 -21.90
C ARG B 78 14.50 14.45 -21.64
N GLY B 79 15.66 14.95 -21.24
CA GLY B 79 15.84 16.39 -21.02
C GLY B 79 14.97 16.95 -19.90
N GLY B 80 14.44 16.06 -19.05
CA GLY B 80 13.62 16.49 -17.88
C GLY B 80 12.29 17.08 -18.29
N SER B 81 11.82 16.80 -19.52
CA SER B 81 10.65 17.48 -20.06
C SER B 81 9.57 16.52 -20.53
N VAL B 82 8.32 16.80 -20.16
CA VAL B 82 7.18 16.02 -20.66
C VAL B 82 7.03 16.18 -22.19
N ALA B 83 7.61 17.24 -22.76
CA ALA B 83 7.55 17.45 -24.21
C ALA B 83 8.35 16.38 -24.96
N ASN B 84 9.24 15.69 -24.26
CA ASN B 84 10.11 14.67 -24.86
C ASN B 84 9.63 13.27 -24.49
N LEU B 85 8.36 13.16 -24.10
CA LEU B 85 7.64 11.88 -24.01
C LEU B 85 6.71 11.73 -25.23
N ARG B 86 6.66 10.52 -25.78
CA ARG B 86 5.94 10.27 -26.99
C ARG B 86 4.46 10.58 -26.81
N PRO B 87 3.85 11.33 -27.76
CA PRO B 87 2.42 11.66 -27.68
C PRO B 87 1.62 10.47 -28.20
N GLY B 88 0.34 10.38 -27.85
CA GLY B 88 -0.49 9.39 -28.54
C GLY B 88 -0.25 7.96 -28.09
N LEU B 89 0.40 7.74 -26.95
CA LEU B 89 0.30 6.46 -26.30
C LEU B 89 -1.04 6.37 -25.59
N THR B 90 -1.61 5.18 -25.59
CA THR B 90 -2.78 4.90 -24.80
C THR B 90 -2.37 4.10 -23.55
N CYS B 91 -2.83 4.56 -22.37
CA CYS B 91 -2.44 3.98 -21.08
C CYS B 91 -3.39 2.86 -20.64
N SER B 92 -4.61 2.88 -21.13
CA SER B 92 -5.65 2.00 -20.68
C SER B 92 -6.76 1.93 -21.72
N GLY B 93 -7.57 0.88 -21.59
CA GLY B 93 -8.65 0.69 -22.52
C GLY B 93 -9.32 -0.65 -22.35
N THR B 94 -10.11 -1.03 -23.35
CA THR B 94 -10.82 -2.28 -23.35
C THR B 94 -10.70 -2.91 -24.73
N GLU B 95 -10.21 -4.15 -24.76
CA GLU B 95 -10.14 -4.89 -26.02
C GLU B 95 -11.20 -6.00 -25.96
N THR B 96 -11.87 -6.27 -27.05
CA THR B 96 -12.79 -7.44 -27.08
C THR B 96 -12.20 -8.53 -27.96
N ILE B 97 -12.00 -9.70 -27.36
CA ILE B 97 -11.35 -10.88 -27.92
C ILE B 97 -12.39 -12.00 -27.94
N PHE B 98 -12.82 -12.37 -29.14
CA PHE B 98 -13.87 -13.40 -29.35
C PHE B 98 -15.04 -13.16 -28.39
N GLY B 99 -15.52 -11.92 -28.36
CA GLY B 99 -16.69 -11.52 -27.63
C GLY B 99 -16.45 -11.34 -26.15
N ILE B 100 -15.17 -11.41 -25.72
CA ILE B 100 -14.84 -11.27 -24.31
C ILE B 100 -14.13 -9.93 -24.12
N PRO B 101 -14.76 -8.98 -23.42
CA PRO B 101 -14.11 -7.71 -23.11
C PRO B 101 -12.96 -7.93 -22.12
N VAL B 102 -11.80 -7.32 -22.42
CA VAL B 102 -10.68 -7.35 -21.57
C VAL B 102 -10.27 -5.90 -21.26
N ALA B 103 -10.47 -5.49 -20.00
CA ALA B 103 -9.95 -4.19 -19.51
C ALA B 103 -8.44 -4.34 -19.35
N TRP B 104 -7.69 -3.30 -19.73
CA TRP B 104 -6.25 -3.36 -19.63
C TRP B 104 -5.71 -2.00 -19.22
N ASP B 105 -4.60 -2.03 -18.48
CA ASP B 105 -4.01 -0.80 -17.97
C ASP B 105 -2.51 -0.98 -17.84
N ILE B 106 -1.77 0.00 -18.34
CA ILE B 106 -0.33 0.16 -18.16
C ILE B 106 -0.09 1.36 -17.28
N ARG B 107 0.73 1.22 -16.24
CA ARG B 107 1.12 2.40 -15.45
C ARG B 107 2.49 2.26 -14.81
N GLY B 108 3.20 3.40 -14.72
CA GLY B 108 4.33 3.46 -13.90
C GLY B 108 3.96 3.44 -12.43
N GLU B 109 4.79 2.80 -11.63
CA GLU B 109 4.65 2.88 -10.20
C GLU B 109 5.39 4.09 -9.61
N ASN B 110 5.07 4.41 -8.36
CA ASN B 110 5.56 5.65 -7.83
C ASN B 110 6.26 5.46 -6.48
N GLY B 111 6.94 6.53 -6.05
CA GLY B 111 7.74 6.49 -4.87
C GLY B 111 9.00 5.67 -5.06
N ILE B 112 9.74 5.51 -3.97
CA ILE B 112 11.03 4.87 -4.03
C ILE B 112 10.85 3.39 -4.46
N LEU B 113 9.79 2.75 -3.95
CA LEU B 113 9.48 1.35 -4.27
C LEU B 113 9.16 1.18 -5.77
N GLY B 114 8.54 2.20 -6.34
CA GLY B 114 8.03 2.14 -7.70
C GLY B 114 9.02 2.60 -8.76
N GLU B 115 10.20 3.09 -8.39
CA GLU B 115 11.16 3.61 -9.30
C GLU B 115 11.55 2.58 -10.36
N GLY B 116 11.35 2.93 -11.64
CA GLY B 116 11.70 2.07 -12.76
C GLY B 116 10.88 0.78 -12.87
N VAL B 117 9.63 0.85 -12.39
CA VAL B 117 8.71 -0.26 -12.49
C VAL B 117 7.46 0.17 -13.23
N VAL B 118 7.04 -0.69 -14.19
CA VAL B 118 5.77 -0.54 -14.85
C VAL B 118 4.95 -1.80 -14.63
N THR B 119 3.67 -1.65 -14.27
CA THR B 119 2.74 -2.77 -14.20
C THR B 119 1.77 -2.74 -15.38
N VAL B 120 1.41 -3.96 -15.82
CA VAL B 120 0.41 -4.18 -16.82
C VAL B 120 -0.61 -5.14 -16.21
N VAL B 121 -1.86 -4.70 -16.13
CA VAL B 121 -2.93 -5.45 -15.49
C VAL B 121 -4.11 -5.56 -16.43
N VAL B 122 -4.68 -6.77 -16.52
CA VAL B 122 -5.81 -7.01 -17.37
C VAL B 122 -6.89 -7.78 -16.61
N THR B 123 -8.13 -7.51 -16.98
CA THR B 123 -9.25 -8.28 -16.47
C THR B 123 -10.19 -8.63 -17.61
N ALA B 124 -10.31 -9.93 -17.86
CA ALA B 124 -11.26 -10.46 -18.87
C ALA B 124 -12.56 -10.82 -18.18
N THR B 125 -13.68 -10.27 -18.65
CA THR B 125 -14.98 -10.58 -18.05
C THR B 125 -15.82 -11.28 -19.11
N HIS B 126 -15.95 -12.60 -18.99
CA HIS B 126 -16.75 -13.39 -19.93
C HIS B 126 -18.20 -12.96 -19.80
N PRO B 127 -18.91 -12.78 -20.94
CA PRO B 127 -20.33 -12.43 -20.89
C PRO B 127 -21.17 -13.44 -20.11
N ARG B 128 -20.72 -14.70 -20.02
CA ARG B 128 -21.47 -15.70 -19.30
C ARG B 128 -21.02 -15.82 -17.83
N GLY B 129 -20.09 -14.96 -17.38
CA GLY B 129 -19.79 -14.86 -15.94
C GLY B 129 -18.31 -14.83 -15.60
N PRO B 130 -17.53 -15.88 -15.93
CA PRO B 130 -16.15 -15.99 -15.45
C PRO B 130 -15.26 -14.78 -15.75
N LYS B 131 -14.54 -14.38 -14.71
CA LYS B 131 -13.58 -13.27 -14.78
C LYS B 131 -12.17 -13.83 -14.54
N VAL B 132 -11.20 -13.25 -15.24
CA VAL B 132 -9.79 -13.59 -15.02
C VAL B 132 -8.96 -12.30 -15.01
N THR B 133 -8.23 -12.12 -13.91
CA THR B 133 -7.35 -10.93 -13.75
C THR B 133 -5.90 -11.38 -13.67
N LEU B 134 -5.07 -10.85 -14.59
CA LEU B 134 -3.67 -11.17 -14.70
C LEU B 134 -2.84 -9.88 -14.69
N GLY B 135 -1.64 -9.98 -14.18
CA GLY B 135 -0.69 -8.90 -14.13
C GLY B 135 0.70 -9.33 -14.56
N ARG B 136 1.44 -8.36 -15.07
CA ARG B 136 2.84 -8.52 -15.29
C ARG B 136 3.56 -7.29 -14.74
N ARG B 137 4.66 -7.54 -14.07
CA ARG B 137 5.53 -6.50 -13.50
C ARG B 137 6.81 -6.42 -14.34
N VAL B 138 7.06 -5.25 -14.93
CA VAL B 138 8.18 -5.03 -15.80
C VAL B 138 9.07 -3.97 -15.15
N THR B 139 10.37 -4.21 -15.09
CA THR B 139 11.29 -3.21 -14.61
C THR B 139 12.18 -2.73 -15.74
N CYS B 140 12.83 -1.60 -15.45
CA CYS B 140 13.72 -1.00 -16.40
C CYS B 140 14.89 -1.93 -16.72
N TYR B 141 15.18 -2.89 -15.85
CA TYR B 141 16.23 -3.83 -16.05
C TYR B 141 15.86 -4.90 -17.07
N ASP B 142 14.59 -4.99 -17.45
CA ASP B 142 14.14 -6.04 -18.32
C ASP B 142 14.26 -5.72 -19.82
N VAL B 143 14.65 -4.47 -20.16
CA VAL B 143 14.79 -4.15 -21.57
C VAL B 143 16.10 -4.78 -22.07
N TYR B 144 16.22 -4.82 -23.40
CA TYR B 144 17.44 -5.26 -24.06
C TYR B 144 18.00 -4.08 -24.84
N PRO B 145 19.32 -3.81 -24.76
CA PRO B 145 20.20 -4.47 -23.81
C PRO B 145 19.94 -4.02 -22.37
N SER B 146 20.38 -4.84 -21.42
CA SER B 146 20.26 -4.59 -20.00
C SER B 146 21.01 -3.31 -19.64
N PRO B 147 20.40 -2.41 -18.83
CA PRO B 147 21.14 -1.30 -18.22
C PRO B 147 22.37 -1.77 -17.45
N THR B 148 23.37 -0.90 -17.40
CA THR B 148 24.58 -1.13 -16.67
C THR B 148 24.87 0.09 -15.79
N GLN B 149 25.88 -0.05 -14.95
CA GLN B 149 26.33 1.06 -14.12
C GLN B 149 26.74 2.25 -14.99
N ASP B 150 27.51 1.99 -16.05
CA ASP B 150 28.05 3.08 -16.88
C ASP B 150 27.00 3.53 -17.90
N GLN B 151 25.86 2.85 -17.93
CA GLN B 151 24.83 3.12 -18.92
C GLN B 151 23.46 2.73 -18.36
N PRO B 152 22.89 3.54 -17.43
CA PRO B 152 21.70 3.14 -16.69
C PRO B 152 20.35 3.20 -17.43
N ALA B 153 20.30 3.90 -18.55
CA ALA B 153 19.07 4.07 -19.27
C ALA B 153 18.48 2.70 -19.63
N PRO B 154 17.16 2.47 -19.48
CA PRO B 154 16.15 3.46 -19.17
C PRO B 154 15.74 3.59 -17.70
N CYS B 155 16.57 3.06 -16.80
CA CYS B 155 16.32 3.26 -15.37
C CYS B 155 16.53 4.72 -15.02
N PRO B 156 15.69 5.27 -14.13
CA PRO B 156 15.89 6.64 -13.67
C PRO B 156 17.02 6.67 -12.64
N PRO B 157 17.62 7.85 -12.40
CA PRO B 157 18.55 7.99 -11.29
C PRO B 157 17.74 7.88 -10.00
N PRO B 158 18.41 7.62 -8.87
CA PRO B 158 17.72 7.65 -7.58
C PRO B 158 16.92 8.96 -7.41
N GLY B 159 15.65 8.82 -7.04
CA GLY B 159 14.78 9.97 -6.85
C GLY B 159 14.21 10.54 -8.13
N GLY B 160 14.49 9.90 -9.26
CA GLY B 160 14.08 10.39 -10.57
C GLY B 160 12.87 9.71 -11.20
N GLY B 161 12.13 8.93 -10.42
CA GLY B 161 10.89 8.32 -10.91
C GLY B 161 9.67 9.20 -10.65
N ARG B 162 8.51 8.56 -10.63
CA ARG B 162 7.27 9.23 -10.36
C ARG B 162 7.21 9.50 -8.86
N PRO B 163 6.83 10.72 -8.46
CA PRO B 163 6.77 11.04 -7.03
C PRO B 163 5.80 10.13 -6.27
N GLY B 164 6.15 9.79 -5.02
CA GLY B 164 5.30 8.95 -4.21
C GLY B 164 3.90 9.56 -4.01
N SER B 165 2.87 8.72 -4.09
CA SER B 165 1.49 9.22 -3.99
C SER B 165 1.03 9.29 -2.54
N GLY B 166 1.58 8.41 -1.69
CA GLY B 166 1.20 8.40 -0.27
C GLY B 166 -0.03 7.55 -0.03
N SER B 167 -0.03 6.82 1.08
CA SER B 167 -1.15 6.03 1.50
C SER B 167 -0.96 5.68 2.97
N TRP B 168 -1.97 5.96 3.77
CA TRP B 168 -1.94 5.63 5.15
C TRP B 168 -3.05 4.63 5.41
N SER B 169 -2.67 3.36 5.58
CA SER B 169 -3.58 2.26 5.78
C SER B 169 -3.45 1.75 7.21
N HIS B 170 -4.58 1.45 7.87
CA HIS B 170 -4.53 0.90 9.23
C HIS B 170 -5.87 0.32 9.57
N PRO B 171 -5.92 -0.83 10.25
CA PRO B 171 -7.22 -1.41 10.59
C PRO B 171 -8.05 -0.51 11.52
N GLN B 172 -7.39 0.36 12.28
CA GLN B 172 -8.10 1.31 13.13
C GLN B 172 -9.03 2.21 12.31
N PHE B 173 -8.71 2.39 11.02
CA PHE B 173 -9.51 3.23 10.15
C PHE B 173 -10.73 2.47 9.57
N ALA C 4 -21.98 25.18 16.82
CA ALA C 4 -20.63 25.20 16.18
C ALA C 4 -19.56 25.32 17.26
N SER C 5 -19.74 26.28 18.19
CA SER C 5 -18.74 26.48 19.24
C SER C 5 -18.67 25.25 20.17
N ALA C 6 -19.83 24.65 20.47
CA ALA C 6 -19.89 23.46 21.33
C ALA C 6 -19.12 22.32 20.66
N GLN C 7 -19.44 22.08 19.38
CA GLN C 7 -18.81 21.00 18.65
C GLN C 7 -17.30 21.26 18.60
N ALA C 8 -16.90 22.54 18.49
CA ALA C 8 -15.51 22.89 18.38
C ALA C 8 -14.81 22.58 19.70
N ARG C 9 -15.53 22.77 20.81
CA ARG C 9 -14.98 22.50 22.11
C ARG C 9 -14.77 20.99 22.28
N PHE C 10 -15.77 20.20 21.87
CA PHE C 10 -15.66 18.76 21.95
C PHE C 10 -14.50 18.26 21.06
N ALA C 11 -14.35 18.85 19.88
CA ALA C 11 -13.26 18.48 18.98
C ALA C 11 -11.90 18.80 19.59
N THR C 12 -11.78 19.95 20.25
CA THR C 12 -10.59 20.33 20.95
C THR C 12 -10.24 19.28 22.03
N ASP C 13 -11.23 18.90 22.80
CA ASP C 13 -11.04 17.91 23.86
C ASP C 13 -10.68 16.54 23.28
N ALA C 14 -11.34 16.14 22.20
CA ALA C 14 -11.01 14.88 21.53
C ALA C 14 -9.53 14.88 21.10
N LYS C 15 -9.06 16.00 20.55
CA LYS C 15 -7.64 16.08 20.15
C LYS C 15 -6.70 15.95 21.36
N ALA C 16 -7.03 16.65 22.49
CA ALA C 16 -6.23 16.59 23.65
C ALA C 16 -6.16 15.16 24.19
N ALA C 17 -7.29 14.43 24.14
CA ALA C 17 -7.33 13.05 24.60
C ALA C 17 -6.42 12.19 23.71
N ALA C 18 -6.52 12.38 22.40
CA ALA C 18 -5.69 11.64 21.44
C ALA C 18 -4.21 11.92 21.70
N VAL C 19 -3.84 13.18 21.93
CA VAL C 19 -2.46 13.55 22.14
C VAL C 19 -1.89 12.83 23.37
N GLN C 20 -2.68 12.81 24.45
CA GLN C 20 -2.26 12.22 25.74
C GLN C 20 -1.84 10.76 25.51
N VAL C 21 -2.67 10.02 24.80
CA VAL C 21 -2.44 8.61 24.57
C VAL C 21 -1.28 8.42 23.58
N LEU C 22 -1.26 9.21 22.50
CA LEU C 22 -0.18 9.13 21.52
C LEU C 22 1.15 9.36 22.22
N GLU C 23 1.21 10.33 23.13
CA GLU C 23 2.45 10.67 23.80
C GLU C 23 2.92 9.48 24.66
N ARG C 24 2.00 8.93 25.45
CA ARG C 24 2.39 7.85 26.38
C ARG C 24 2.80 6.61 25.60
N ARG C 25 2.08 6.27 24.53
CA ARG C 25 2.37 5.02 23.82
C ARG C 25 3.66 5.17 23.01
N SER C 26 3.90 6.35 22.42
CA SER C 26 5.14 6.64 21.71
C SER C 26 6.35 6.55 22.65
N ALA C 27 6.18 7.06 23.88
CA ALA C 27 7.28 7.05 24.85
C ALA C 27 7.66 5.60 25.21
N GLU C 28 6.67 4.70 25.23
CA GLU C 28 6.97 3.28 25.49
C GLU C 28 7.87 2.71 24.38
N VAL C 29 7.58 3.07 23.14
CA VAL C 29 8.35 2.56 21.98
C VAL C 29 9.80 3.02 22.07
N LEU C 30 9.99 4.25 22.58
CA LEU C 30 11.32 4.84 22.65
C LEU C 30 12.09 4.54 23.95
N LYS C 31 11.48 3.81 24.87
CA LYS C 31 12.02 3.53 26.21
C LYS C 31 13.23 2.59 26.08
N SER C 32 14.24 2.83 26.92
CA SER C 32 15.36 1.92 27.04
C SER C 32 15.64 1.69 28.51
N GLU C 33 16.42 0.65 28.79
CA GLU C 33 16.75 0.24 30.17
C GLU C 33 18.10 -0.47 30.15
N ILE C 34 18.84 -0.35 31.26
CA ILE C 34 20.12 -1.02 31.46
C ILE C 34 19.84 -2.40 32.03
N VAL C 35 20.46 -3.42 31.44
CA VAL C 35 20.29 -4.80 31.87
C VAL C 35 21.67 -5.47 31.95
N PRO C 36 21.83 -6.53 32.77
CA PRO C 36 23.08 -7.28 32.81
C PRO C 36 23.32 -8.10 31.53
N ALA C 37 24.58 -8.52 31.32
CA ALA C 37 24.99 -9.22 30.11
C ALA C 37 24.21 -10.53 29.99
N LEU C 38 23.61 -11.02 31.09
CA LEU C 38 22.87 -12.29 31.09
C LEU C 38 21.41 -12.08 30.71
N SER C 39 20.98 -10.81 30.50
CA SER C 39 19.59 -10.56 30.13
C SER C 39 19.33 -11.03 28.70
N PRO C 40 18.19 -11.72 28.48
CA PRO C 40 17.79 -12.11 27.13
C PRO C 40 17.41 -10.91 26.26
N TYR C 41 17.22 -9.75 26.91
CA TYR C 41 16.67 -8.59 26.22
C TYR C 41 17.76 -7.57 25.90
N LYS C 42 19.02 -7.96 26.11
CA LYS C 42 20.14 -7.09 25.84
C LYS C 42 20.21 -6.82 24.33
N ASP C 43 20.54 -5.57 24.00
CA ASP C 43 20.66 -5.14 22.61
C ASP C 43 22.07 -4.66 22.23
N ALA C 44 22.69 -3.82 23.06
CA ALA C 44 24.04 -3.33 22.78
C ALA C 44 24.78 -3.18 24.11
N PRO C 45 26.07 -3.54 24.17
CA PRO C 45 26.86 -3.37 25.38
C PRO C 45 27.12 -1.89 25.68
N LEU C 46 27.09 -1.53 26.98
CA LEU C 46 27.39 -0.15 27.36
C LEU C 46 28.80 0.24 26.91
N ASP C 47 29.72 -0.72 26.97
CA ASP C 47 31.07 -0.53 26.49
C ASP C 47 31.41 -1.72 25.60
N PRO C 48 31.67 -1.47 24.30
CA PRO C 48 31.91 -2.55 23.33
C PRO C 48 33.15 -3.40 23.64
N ASP C 49 34.07 -2.86 24.44
CA ASP C 49 35.27 -3.62 24.82
C ASP C 49 35.01 -4.39 26.12
N ASN C 50 33.79 -4.27 26.68
CA ASN C 50 33.44 -4.98 27.93
C ASN C 50 32.07 -5.64 27.78
N PRO C 51 31.96 -6.67 26.91
CA PRO C 51 30.70 -7.36 26.64
C PRO C 51 30.21 -8.08 27.91
N SER C 52 31.12 -8.17 28.88
CA SER C 52 30.87 -8.79 30.16
C SER C 52 30.01 -7.89 31.05
N GLY C 53 30.13 -6.58 30.79
CA GLY C 53 29.45 -5.55 31.59
C GLY C 53 27.99 -5.43 31.23
N ASN C 54 27.38 -4.34 31.72
CA ASN C 54 25.96 -4.09 31.48
C ASN C 54 25.69 -3.75 30.01
N TRP C 55 24.44 -3.97 29.59
CA TRP C 55 23.97 -3.69 28.21
C TRP C 55 22.77 -2.75 28.26
N ARG C 56 22.51 -2.09 27.13
CA ARG C 56 21.29 -1.34 26.97
C ARG C 56 20.30 -2.21 26.18
N SER C 57 19.03 -2.09 26.58
CA SER C 57 17.89 -2.82 26.04
C SER C 57 16.89 -1.78 25.56
N PHE C 58 16.48 -1.89 24.29
CA PHE C 58 15.53 -1.00 23.69
C PHE C 58 14.18 -1.71 23.56
N TYR C 59 13.14 -1.08 24.12
CA TYR C 59 11.75 -1.61 23.98
C TYR C 59 11.29 -1.49 22.51
N PHE C 60 11.95 -0.67 21.73
CA PHE C 60 11.67 -0.57 20.29
C PHE C 60 11.68 -1.96 19.65
N VAL C 61 12.67 -2.78 20.02
CA VAL C 61 12.84 -4.12 19.45
C VAL C 61 11.64 -4.97 19.81
N ASP C 62 11.24 -4.94 21.09
CA ASP C 62 10.06 -5.70 21.57
C ASP C 62 8.80 -5.34 20.81
N TYR C 63 8.53 -4.03 20.68
CA TYR C 63 7.32 -3.60 20.02
C TYR C 63 7.38 -3.95 18.54
N TYR C 64 8.53 -3.70 17.91
CA TYR C 64 8.66 -3.89 16.46
C TYR C 64 8.35 -5.35 16.10
N PHE C 65 8.95 -6.28 16.83
CA PHE C 65 8.82 -7.71 16.49
C PHE C 65 7.61 -8.34 17.12
N SER C 66 7.02 -7.76 18.18
CA SER C 66 5.85 -8.39 18.79
C SER C 66 4.53 -7.94 18.20
N CYS C 67 4.49 -6.78 17.52
CA CYS C 67 3.22 -6.12 17.26
C CYS C 67 3.01 -5.94 15.77
N PRO C 68 1.85 -6.33 15.22
CA PRO C 68 0.69 -6.84 15.97
C PRO C 68 0.75 -8.32 16.31
N THR C 69 1.65 -9.01 15.64
CA THR C 69 1.88 -10.42 15.87
C THR C 69 3.38 -10.64 16.03
N ARG C 70 3.74 -11.73 16.74
CA ARG C 70 5.15 -11.98 17.08
C ARG C 70 5.83 -12.60 15.85
N VAL C 71 6.96 -11.99 15.48
CA VAL C 71 7.87 -12.48 14.41
C VAL C 71 9.26 -12.65 15.01
N ALA C 72 9.94 -13.75 14.67
CA ALA C 72 11.30 -13.92 15.14
C ALA C 72 12.24 -12.92 14.47
N PRO C 73 13.08 -12.23 15.26
CA PRO C 73 14.16 -11.42 14.70
C PRO C 73 15.23 -12.29 14.03
N SER C 74 16.14 -11.61 13.34
CA SER C 74 17.31 -12.25 12.73
C SER C 74 18.23 -12.71 13.86
N PRO C 75 19.22 -13.58 13.58
CA PRO C 75 20.14 -14.00 14.65
C PRO C 75 20.93 -12.85 15.28
N LYS C 76 20.95 -11.70 14.62
CA LYS C 76 21.69 -10.54 15.12
C LYS C 76 20.99 -9.83 16.28
N GLN C 77 19.68 -10.06 16.45
CA GLN C 77 18.94 -9.43 17.51
C GLN C 77 18.23 -10.48 18.36
N ARG C 78 18.40 -10.38 19.68
CA ARG C 78 17.67 -11.17 20.63
C ARG C 78 17.88 -12.68 20.35
N GLY C 79 19.04 -13.04 19.80
CA GLY C 79 19.38 -14.44 19.52
C GLY C 79 18.43 -15.09 18.50
N GLY C 80 17.78 -14.24 17.69
CA GLY C 80 16.92 -14.67 16.61
C GLY C 80 15.67 -15.40 17.09
N SER C 81 15.28 -15.17 18.37
CA SER C 81 14.23 -15.97 19.01
C SER C 81 13.10 -15.09 19.57
N VAL C 82 11.86 -15.50 19.32
CA VAL C 82 10.72 -14.85 19.92
C VAL C 82 10.73 -15.00 21.45
N ALA C 83 11.44 -16.02 21.97
CA ALA C 83 11.49 -16.25 23.41
C ALA C 83 12.21 -15.08 24.11
N ASN C 84 13.02 -14.34 23.34
CA ASN C 84 13.81 -13.24 23.86
C ASN C 84 13.14 -11.88 23.55
N LEU C 85 11.84 -11.89 23.27
CA LEU C 85 11.04 -10.65 23.24
C LEU C 85 10.20 -10.56 24.53
N ARG C 86 10.09 -9.36 25.08
CA ARG C 86 9.40 -9.19 26.37
C ARG C 86 7.96 -9.67 26.26
N PRO C 87 7.50 -10.50 27.23
CA PRO C 87 6.13 -11.01 27.24
C PRO C 87 5.04 -10.05 27.77
N GLY C 88 5.42 -9.04 28.54
CA GLY C 88 4.33 -8.28 29.24
C GLY C 88 3.60 -7.25 28.37
N LEU C 89 3.83 -7.24 27.07
CA LEU C 89 3.58 -6.06 26.23
C LEU C 89 2.16 -6.08 25.71
N THR C 90 1.51 -4.91 25.63
CA THR C 90 0.26 -4.78 24.99
C THR C 90 0.44 -3.91 23.71
N CYS C 91 -0.08 -4.39 22.57
CA CYS C 91 0.14 -3.77 21.23
C CYS C 91 -0.97 -2.76 20.92
N SER C 92 -2.16 -2.96 21.50
CA SER C 92 -3.30 -2.17 21.15
C SER C 92 -4.33 -2.23 22.27
N GLY C 93 -5.23 -1.24 22.25
CA GLY C 93 -6.30 -1.20 23.25
C GLY C 93 -7.11 0.08 23.15
N THR C 94 -7.81 0.40 24.23
CA THR C 94 -8.62 1.60 24.31
C THR C 94 -8.40 2.19 25.70
N GLU C 95 -8.05 3.47 25.74
CA GLU C 95 -7.91 4.19 26.99
C GLU C 95 -9.09 5.16 27.06
N THR C 96 -9.69 5.37 28.23
CA THR C 96 -10.73 6.37 28.38
C THR C 96 -10.12 7.58 29.08
N ILE C 97 -10.21 8.73 28.42
CA ILE C 97 -9.60 9.97 28.84
C ILE C 97 -10.72 10.97 29.08
N PHE C 98 -11.01 11.26 30.35
CA PHE C 98 -12.11 12.17 30.67
C PHE C 98 -13.39 11.82 29.90
N GLY C 99 -13.71 10.54 29.87
CA GLY C 99 -14.93 10.06 29.24
C GLY C 99 -14.86 9.89 27.74
N ILE C 100 -13.69 10.16 27.16
CA ILE C 100 -13.49 10.06 25.72
C ILE C 100 -12.69 8.79 25.44
N PRO C 101 -13.28 7.80 24.75
CA PRO C 101 -12.51 6.59 24.41
C PRO C 101 -11.48 6.92 23.31
N VAL C 102 -10.28 6.41 23.51
CA VAL C 102 -9.19 6.56 22.57
C VAL C 102 -8.63 5.18 22.23
N ALA C 103 -8.88 4.75 21.00
CA ALA C 103 -8.32 3.52 20.46
C ALA C 103 -6.85 3.80 20.16
N TRP C 104 -5.97 2.87 20.48
CA TRP C 104 -4.56 3.06 20.21
C TRP C 104 -3.97 1.75 19.69
N ASP C 105 -2.92 1.91 18.88
CA ASP C 105 -2.25 0.74 18.30
C ASP C 105 -0.80 1.09 18.03
N ILE C 106 0.08 0.16 18.45
CA ILE C 106 1.51 0.18 18.16
C ILE C 106 1.81 -1.00 17.24
N ARG C 107 2.51 -0.76 16.13
CA ARG C 107 2.92 -1.93 15.33
C ARG C 107 4.19 -1.65 14.56
N GLY C 108 4.93 -2.73 14.34
CA GLY C 108 6.06 -2.68 13.46
C GLY C 108 5.57 -2.69 12.01
N GLU C 109 6.32 -2.02 11.15
CA GLU C 109 6.00 -2.11 9.72
C GLU C 109 6.76 -3.24 9.06
N ASN C 110 6.34 -3.62 7.87
CA ASN C 110 6.91 -4.81 7.30
C ASN C 110 7.51 -4.55 5.92
N GLY C 111 8.23 -5.55 5.42
CA GLY C 111 8.91 -5.44 4.15
C GLY C 111 10.11 -4.53 4.25
N ILE C 112 10.81 -4.37 3.13
CA ILE C 112 12.08 -3.65 3.20
C ILE C 112 11.85 -2.19 3.65
N LEU C 113 10.79 -1.58 3.16
CA LEU C 113 10.40 -0.22 3.46
C LEU C 113 10.07 -0.03 4.95
N GLY C 114 9.55 -1.10 5.58
CA GLY C 114 9.12 -1.06 6.98
C GLY C 114 10.21 -1.46 7.97
N GLU C 115 11.38 -1.87 7.48
CA GLU C 115 12.48 -2.25 8.30
C GLU C 115 12.82 -1.14 9.31
N GLY C 116 12.77 -1.48 10.60
CA GLY C 116 13.17 -0.55 11.66
C GLY C 116 12.19 0.62 11.86
N VAL C 117 10.91 0.39 11.53
CA VAL C 117 9.92 1.45 11.64
C VAL C 117 8.75 0.93 12.48
N VAL C 118 8.35 1.73 13.47
CA VAL C 118 7.16 1.44 14.28
C VAL C 118 6.19 2.62 14.12
N THR C 119 4.92 2.29 13.92
CA THR C 119 3.91 3.38 13.94
C THR C 119 3.05 3.28 15.20
N VAL C 120 2.56 4.45 15.65
CA VAL C 120 1.67 4.56 16.77
C VAL C 120 0.51 5.40 16.24
N VAL C 121 -0.71 4.85 16.33
CA VAL C 121 -1.88 5.50 15.76
C VAL C 121 -3.00 5.46 16.79
N VAL C 122 -3.64 6.61 16.99
CA VAL C 122 -4.72 6.74 17.94
C VAL C 122 -5.92 7.39 17.29
N THR C 123 -7.10 7.01 17.78
CA THR C 123 -8.32 7.66 17.37
C THR C 123 -9.18 7.91 18.61
N ALA C 124 -9.45 9.20 18.85
CA ALA C 124 -10.36 9.62 19.95
C ALA C 124 -11.76 9.80 19.36
N THR C 125 -12.76 9.17 19.97
CA THR C 125 -14.12 9.35 19.53
C THR C 125 -14.94 9.99 20.65
N HIS C 126 -15.23 11.29 20.51
CA HIS C 126 -15.95 12.03 21.51
C HIS C 126 -17.37 11.49 21.57
N PRO C 127 -17.94 11.28 22.78
CA PRO C 127 -19.33 10.83 22.87
C PRO C 127 -20.35 11.75 22.16
N ARG C 128 -20.02 13.03 22.00
CA ARG C 128 -20.91 14.01 21.35
C ARG C 128 -20.62 14.16 19.85
N GLY C 129 -19.69 13.35 19.32
CA GLY C 129 -19.53 13.24 17.86
C GLY C 129 -18.10 13.30 17.36
N PRO C 130 -17.37 14.38 17.65
CA PRO C 130 -16.06 14.60 16.99
C PRO C 130 -15.03 13.51 17.21
N LYS C 131 -14.32 13.19 16.13
CA LYS C 131 -13.29 12.19 16.12
C LYS C 131 -11.98 12.87 15.71
N VAL C 132 -10.88 12.40 16.29
CA VAL C 132 -9.56 12.86 15.94
C VAL C 132 -8.64 11.63 15.86
N THR C 133 -7.91 11.53 14.73
CA THR C 133 -6.97 10.44 14.48
C THR C 133 -5.58 11.05 14.26
N LEU C 134 -4.64 10.66 15.12
CA LEU C 134 -3.26 11.10 15.09
C LEU C 134 -2.33 9.91 14.98
N GLY C 135 -1.18 10.14 14.38
CA GLY C 135 -0.19 9.13 14.27
C GLY C 135 1.19 9.67 14.53
N ARG C 136 2.10 8.80 14.95
CA ARG C 136 3.50 9.09 15.04
C ARG C 136 4.27 7.95 14.39
N ARG C 137 5.28 8.34 13.61
CA ARG C 137 6.15 7.34 12.95
C ARG C 137 7.51 7.39 13.65
N VAL C 138 7.91 6.26 14.24
CA VAL C 138 9.14 6.17 15.01
C VAL C 138 10.09 5.21 14.28
N THR C 139 11.35 5.64 14.06
CA THR C 139 12.32 4.72 13.51
C THR C 139 13.37 4.30 14.56
N CYS C 140 14.09 3.23 14.26
CA CYS C 140 15.11 2.73 15.13
C CYS C 140 16.22 3.77 15.31
N TYR C 141 16.31 4.72 14.40
CA TYR C 141 17.33 5.80 14.48
C TYR C 141 16.97 6.86 15.52
N ASP C 142 15.75 6.83 16.06
CA ASP C 142 15.24 7.85 16.93
C ASP C 142 15.53 7.57 18.42
N VAL C 143 16.05 6.37 18.74
CA VAL C 143 16.34 6.06 20.14
C VAL C 143 17.64 6.77 20.53
N TYR C 144 17.88 6.85 21.84
CA TYR C 144 19.13 7.36 22.38
C TYR C 144 19.86 6.22 23.09
N PRO C 145 21.17 6.03 22.83
CA PRO C 145 21.91 6.79 21.82
C PRO C 145 21.57 6.32 20.39
N SER C 146 21.84 7.20 19.43
CA SER C 146 21.62 6.93 18.02
C SER C 146 22.45 5.72 17.61
N PRO C 147 21.84 4.80 16.83
CA PRO C 147 22.61 3.73 16.19
C PRO C 147 23.72 4.29 15.29
N THR C 148 24.77 3.49 15.13
CA THR C 148 25.90 3.84 14.26
C THR C 148 26.24 2.66 13.37
N GLN C 149 27.16 2.85 12.42
CA GLN C 149 27.72 1.75 11.62
C GLN C 149 28.16 0.61 12.53
N ASP C 150 28.95 0.98 13.54
CA ASP C 150 29.61 0.06 14.45
C ASP C 150 28.62 -0.61 15.41
N GLN C 151 27.51 0.08 15.68
CA GLN C 151 26.60 -0.33 16.71
C GLN C 151 25.19 -0.03 16.17
N PRO C 152 24.64 -0.94 15.36
CA PRO C 152 23.40 -0.66 14.64
C PRO C 152 22.12 -0.82 15.49
N ALA C 153 22.23 -1.49 16.63
CA ALA C 153 21.05 -1.80 17.43
C ALA C 153 20.38 -0.48 17.83
N PRO C 154 19.04 -0.37 17.90
CA PRO C 154 18.09 -1.47 17.65
C PRO C 154 17.64 -1.66 16.19
N CYS C 155 18.33 -1.06 15.22
CA CYS C 155 18.01 -1.31 13.83
C CYS C 155 18.32 -2.75 13.48
N PRO C 156 17.48 -3.39 12.63
CA PRO C 156 17.79 -4.73 12.17
C PRO C 156 18.84 -4.66 11.07
N PRO C 157 19.53 -5.78 10.80
CA PRO C 157 20.37 -5.89 9.63
C PRO C 157 19.46 -5.88 8.41
N PRO C 158 19.97 -5.55 7.22
CA PRO C 158 19.17 -5.64 5.99
C PRO C 158 18.50 -7.02 5.89
N GLY C 159 17.19 -7.00 5.63
CA GLY C 159 16.40 -8.19 5.53
C GLY C 159 16.03 -8.85 6.85
N GLY C 160 16.35 -8.20 7.98
CA GLY C 160 16.14 -8.78 9.29
C GLY C 160 14.92 -8.20 10.01
N GLY C 161 14.05 -7.50 9.29
CA GLY C 161 12.82 -7.01 9.87
C GLY C 161 11.65 -7.97 9.75
N ARG C 162 10.46 -7.41 9.81
CA ARG C 162 9.26 -8.21 9.63
C ARG C 162 9.08 -8.51 8.14
N PRO C 163 8.69 -9.75 7.77
CA PRO C 163 8.50 -10.07 6.36
C PRO C 163 7.40 -9.22 5.71
N GLY C 164 7.59 -8.84 4.43
CA GLY C 164 6.58 -8.08 3.68
C GLY C 164 5.24 -8.81 3.64
N SER C 165 4.13 -8.11 3.83
CA SER C 165 2.84 -8.80 3.90
C SER C 165 2.22 -8.92 2.49
N GLY C 166 2.58 -8.00 1.59
CA GLY C 166 2.04 -8.03 0.24
C GLY C 166 0.74 -7.29 0.08
N SER C 167 0.59 -6.61 -1.05
CA SER C 167 -0.64 -5.87 -1.34
C SER C 167 -0.68 -5.51 -2.82
N TRP C 168 -1.74 -5.88 -3.49
CA TRP C 168 -1.91 -5.54 -4.87
C TRP C 168 -3.16 -4.69 -5.05
N SER C 169 -2.96 -3.37 -5.22
CA SER C 169 -4.11 -2.50 -5.40
C SER C 169 -4.07 -1.90 -6.80
N HIS C 170 -5.25 -1.72 -7.36
CA HIS C 170 -5.38 -1.18 -8.70
C HIS C 170 -6.80 -0.73 -8.90
N PRO C 171 -7.03 0.41 -9.59
CA PRO C 171 -8.38 0.88 -9.84
C PRO C 171 -9.24 -0.11 -10.64
N GLN C 172 -8.59 -0.95 -11.43
CA GLN C 172 -9.27 -1.93 -12.22
C GLN C 172 -9.99 -2.94 -11.31
N PHE C 173 -9.52 -3.10 -10.06
CA PHE C 173 -10.10 -4.03 -9.11
C PHE C 173 -11.30 -3.40 -8.38
N LEU D 2 24.77 13.37 30.39
CA LEU D 2 24.60 14.83 30.03
C LEU D 2 24.09 14.98 28.58
N ARG D 3 24.61 14.15 27.69
CA ARG D 3 24.20 14.15 26.30
C ARG D 3 22.75 13.67 26.20
N ALA D 4 22.40 12.70 27.05
CA ALA D 4 21.06 12.13 27.05
C ALA D 4 20.08 13.24 27.36
N SER D 5 20.43 14.06 28.35
CA SER D 5 19.53 15.12 28.79
C SER D 5 19.31 16.14 27.66
N ALA D 6 20.38 16.53 26.97
CA ALA D 6 20.33 17.54 25.93
C ALA D 6 19.53 17.02 24.74
N GLN D 7 19.83 15.78 24.32
CA GLN D 7 19.14 15.19 23.18
C GLN D 7 17.65 15.08 23.50
N ALA D 8 17.29 14.79 24.75
CA ALA D 8 15.88 14.69 25.19
C ALA D 8 15.20 16.06 25.08
N ARG D 9 15.93 17.12 25.42
CA ARG D 9 15.39 18.44 25.31
C ARG D 9 15.18 18.81 23.84
N PHE D 10 16.15 18.51 22.99
CA PHE D 10 16.04 18.79 21.56
C PHE D 10 14.87 18.03 20.97
N ALA D 11 14.65 16.80 21.40
CA ALA D 11 13.52 15.97 20.90
C ALA D 11 12.18 16.58 21.34
N THR D 12 12.10 17.02 22.59
CA THR D 12 10.92 17.69 23.12
C THR D 12 10.61 18.93 22.28
N ASP D 13 11.64 19.72 21.94
CA ASP D 13 11.48 20.93 21.16
C ASP D 13 11.04 20.60 19.71
N ALA D 14 11.62 19.55 19.14
CA ALA D 14 11.29 19.11 17.81
C ALA D 14 9.80 18.67 17.78
N LYS D 15 9.35 17.96 18.82
CA LYS D 15 7.95 17.51 18.87
C LYS D 15 7.03 18.73 18.92
N ALA D 16 7.37 19.71 19.76
CA ALA D 16 6.52 20.89 19.91
C ALA D 16 6.38 21.63 18.57
N ALA D 17 7.49 21.74 17.83
CA ALA D 17 7.48 22.40 16.53
C ALA D 17 6.61 21.61 15.53
N ALA D 18 6.79 20.29 15.50
CA ALA D 18 5.92 19.46 14.65
C ALA D 18 4.46 19.67 15.00
N VAL D 19 4.11 19.64 16.29
CA VAL D 19 2.69 19.77 16.68
C VAL D 19 2.11 21.10 16.18
N GLN D 20 2.85 22.20 16.35
CA GLN D 20 2.35 23.54 15.98
C GLN D 20 1.98 23.56 14.48
N VAL D 21 2.87 23.00 13.65
CA VAL D 21 2.66 23.01 12.20
C VAL D 21 1.51 22.06 11.87
N LEU D 22 1.49 20.87 12.48
CA LEU D 22 0.43 19.94 12.22
C LEU D 22 -0.93 20.58 12.51
N GLU D 23 -1.02 21.31 13.62
CA GLU D 23 -2.29 21.92 14.04
C GLU D 23 -2.70 22.98 13.01
N ARG D 24 -1.77 23.83 12.59
CA ARG D 24 -2.11 24.92 11.68
C ARG D 24 -2.55 24.38 10.31
N ARG D 25 -1.86 23.37 9.80
CA ARG D 25 -2.20 22.86 8.47
C ARG D 25 -3.50 22.04 8.52
N SER D 26 -3.70 21.28 9.59
CA SER D 26 -4.92 20.53 9.80
C SER D 26 -6.13 21.49 9.87
N ALA D 27 -5.95 22.61 10.57
CA ALA D 27 -7.02 23.60 10.68
C ALA D 27 -7.40 24.16 9.31
N GLU D 28 -6.43 24.34 8.42
CA GLU D 28 -6.69 24.79 7.07
C GLU D 28 -7.62 23.81 6.35
N VAL D 29 -7.37 22.50 6.50
CA VAL D 29 -8.15 21.50 5.82
C VAL D 29 -9.60 21.53 6.32
N LEU D 30 -9.78 21.83 7.62
CA LEU D 30 -11.10 21.79 8.23
C LEU D 30 -11.84 23.14 8.15
N LYS D 31 -11.23 24.16 7.58
CA LYS D 31 -11.83 25.50 7.46
C LYS D 31 -13.07 25.52 6.55
N SER D 32 -14.09 26.31 6.92
CA SER D 32 -15.20 26.58 6.09
C SER D 32 -15.51 28.07 6.09
N GLU D 33 -16.28 28.48 5.09
CA GLU D 33 -16.70 29.88 4.90
C GLU D 33 -18.08 29.92 4.26
N ILE D 34 -18.82 30.98 4.57
CA ILE D 34 -20.10 31.20 3.98
C ILE D 34 -19.90 31.96 2.68
N VAL D 35 -20.57 31.47 1.63
CA VAL D 35 -20.46 32.07 0.31
C VAL D 35 -21.86 32.21 -0.28
N PRO D 36 -22.04 33.19 -1.18
CA PRO D 36 -23.31 33.35 -1.90
C PRO D 36 -23.54 32.22 -2.91
N ALA D 37 -24.77 32.12 -3.41
CA ALA D 37 -25.18 31.03 -4.25
C ALA D 37 -24.45 31.11 -5.60
N LEU D 38 -23.88 32.27 -5.92
CA LEU D 38 -23.17 32.44 -7.19
C LEU D 38 -21.70 32.03 -7.06
N SER D 39 -21.24 31.73 -5.84
CA SER D 39 -19.86 31.28 -5.62
C SER D 39 -19.60 29.96 -6.32
N PRO D 40 -18.48 29.87 -7.05
CA PRO D 40 -18.06 28.61 -7.67
C PRO D 40 -17.58 27.60 -6.63
N TYR D 41 -17.41 28.05 -5.37
CA TYR D 41 -16.86 27.20 -4.34
C TYR D 41 -17.94 26.69 -3.38
N LYS D 42 -19.20 26.92 -3.71
CA LYS D 42 -20.28 26.48 -2.85
C LYS D 42 -20.31 24.96 -2.79
N ASP D 43 -20.60 24.41 -1.60
CA ASP D 43 -20.68 22.96 -1.39
C ASP D 43 -22.07 22.54 -0.91
N ALA D 44 -22.65 23.24 0.07
CA ALA D 44 -23.98 22.89 0.61
C ALA D 44 -24.72 24.16 0.97
N PRO D 45 -26.04 24.24 0.67
CA PRO D 45 -26.83 25.40 1.04
C PRO D 45 -27.01 25.44 2.57
N LEU D 46 -26.96 26.63 3.15
CA LEU D 46 -27.26 26.80 4.57
C LEU D 46 -28.65 26.24 4.90
N ASP D 47 -29.60 26.48 4.00
CA ASP D 47 -30.96 25.98 4.12
C ASP D 47 -31.24 25.09 2.92
N PRO D 48 -31.43 23.77 3.14
CA PRO D 48 -31.71 22.84 2.04
C PRO D 48 -32.99 23.19 1.25
N ASP D 49 -33.89 23.98 1.87
CA ASP D 49 -35.14 24.39 1.22
C ASP D 49 -34.97 25.75 0.51
N ASN D 50 -33.78 26.35 0.62
CA ASN D 50 -33.57 27.67 0.02
C ASN D 50 -32.21 27.70 -0.65
N PRO D 51 -32.08 27.03 -1.82
CA PRO D 51 -30.82 26.99 -2.57
C PRO D 51 -30.38 28.35 -3.14
N SER D 52 -31.28 29.33 -3.18
CA SER D 52 -30.90 30.62 -3.75
C SER D 52 -30.21 31.46 -2.67
N GLY D 53 -30.31 30.99 -1.40
CA GLY D 53 -29.65 31.67 -0.28
C GLY D 53 -28.16 31.35 -0.22
N ASN D 54 -27.55 31.69 0.91
CA ASN D 54 -26.12 31.50 1.10
C ASN D 54 -25.80 30.00 1.22
N TRP D 55 -24.54 29.67 0.96
CA TRP D 55 -24.01 28.32 1.00
C TRP D 55 -22.79 28.25 1.92
N ARG D 56 -22.50 27.04 2.39
CA ARG D 56 -21.23 26.81 3.02
C ARG D 56 -20.28 26.21 1.97
N SER D 57 -19.03 26.64 2.05
CA SER D 57 -17.89 26.17 1.27
C SER D 57 -16.87 25.54 2.21
N PHE D 58 -16.43 24.32 1.87
CA PHE D 58 -15.44 23.61 2.70
C PHE D 58 -14.09 23.58 1.99
N TYR D 59 -13.06 24.07 2.66
CA TYR D 59 -11.72 24.02 2.11
C TYR D 59 -11.24 22.57 1.97
N PHE D 60 -11.91 21.64 2.68
CA PHE D 60 -11.61 20.22 2.57
C PHE D 60 -11.60 19.80 1.09
N VAL D 61 -12.61 20.29 0.35
CA VAL D 61 -12.79 19.94 -1.07
C VAL D 61 -11.57 20.43 -1.87
N ASP D 62 -11.19 21.69 -1.65
CA ASP D 62 -10.07 22.30 -2.32
C ASP D 62 -8.78 21.53 -2.08
N TYR D 63 -8.48 21.19 -0.83
CA TYR D 63 -7.24 20.48 -0.53
C TYR D 63 -7.31 19.05 -1.09
N TYR D 64 -8.45 18.39 -0.94
CA TYR D 64 -8.60 17.00 -1.34
C TYR D 64 -8.33 16.87 -2.85
N PHE D 65 -8.94 17.77 -3.63
CA PHE D 65 -8.83 17.64 -5.10
C PHE D 65 -7.61 18.36 -5.67
N SER D 66 -6.96 19.24 -4.90
CA SER D 66 -5.83 19.96 -5.44
C SER D 66 -4.47 19.35 -5.10
N CYS D 67 -4.38 18.50 -4.06
CA CYS D 67 -3.14 18.14 -3.44
C CYS D 67 -2.95 16.63 -3.48
N PRO D 68 -1.80 16.11 -3.99
CA PRO D 68 -0.64 16.92 -4.38
C PRO D 68 -0.70 17.49 -5.81
N THR D 69 -1.64 17.00 -6.58
CA THR D 69 -1.91 17.46 -7.96
C THR D 69 -3.41 17.68 -8.12
N ARG D 70 -3.80 18.56 -9.07
CA ARG D 70 -5.20 18.89 -9.24
C ARG D 70 -5.88 17.81 -10.09
N VAL D 71 -7.03 17.36 -9.58
CA VAL D 71 -7.87 16.34 -10.18
C VAL D 71 -9.29 16.91 -10.22
N ALA D 72 -10.00 16.75 -11.34
CA ALA D 72 -11.37 17.24 -11.44
C ALA D 72 -12.28 16.43 -10.52
N PRO D 73 -13.12 17.08 -9.71
CA PRO D 73 -14.17 16.37 -8.99
C PRO D 73 -15.21 15.81 -9.97
N SER D 74 -16.09 14.98 -9.42
CA SER D 74 -17.29 14.50 -10.10
C SER D 74 -18.21 15.68 -10.37
N PRO D 75 -19.20 15.55 -11.25
CA PRO D 75 -20.15 16.62 -11.47
C PRO D 75 -20.93 17.02 -10.21
N LYS D 76 -20.95 16.17 -9.19
CA LYS D 76 -21.69 16.45 -7.95
C LYS D 76 -21.00 17.54 -7.11
N GLN D 77 -19.72 17.79 -7.37
CA GLN D 77 -18.96 18.74 -6.53
C GLN D 77 -18.23 19.74 -7.42
N ARG D 78 -18.47 21.02 -7.14
CA ARG D 78 -17.74 22.11 -7.77
C ARG D 78 -17.93 22.05 -9.29
N GLY D 79 -19.09 21.55 -9.71
CA GLY D 79 -19.46 21.49 -11.14
C GLY D 79 -18.54 20.60 -11.95
N GLY D 80 -17.85 19.67 -11.30
CA GLY D 80 -17.01 18.71 -12.00
C GLY D 80 -15.77 19.35 -12.59
N SER D 81 -15.39 20.56 -12.15
CA SER D 81 -14.36 21.35 -12.83
C SER D 81 -13.22 21.78 -11.89
N VAL D 82 -11.96 21.58 -12.34
CA VAL D 82 -10.79 22.08 -11.59
C VAL D 82 -10.82 23.62 -11.51
N ALA D 83 -11.53 24.27 -12.45
CA ALA D 83 -11.61 25.71 -12.44
C ALA D 83 -12.34 26.22 -11.19
N ASN D 84 -13.13 25.36 -10.55
CA ASN D 84 -13.92 25.68 -9.39
C ASN D 84 -13.25 25.16 -8.09
N LEU D 85 -11.94 24.93 -8.13
CA LEU D 85 -11.15 24.71 -6.96
C LEU D 85 -10.34 25.98 -6.69
N ARG D 86 -10.20 26.34 -5.41
CA ARG D 86 -9.54 27.59 -5.03
C ARG D 86 -8.10 27.61 -5.52
N PRO D 87 -7.66 28.74 -6.14
CA PRO D 87 -6.31 28.85 -6.66
C PRO D 87 -5.25 29.15 -5.60
N GLY D 88 -5.62 29.68 -4.44
CA GLY D 88 -4.47 30.22 -3.62
C GLY D 88 -3.61 29.18 -2.87
N LEU D 89 -3.81 27.87 -3.08
CA LEU D 89 -3.47 26.91 -2.02
C LEU D 89 -2.08 26.30 -2.17
N THR D 90 -1.42 26.14 -1.02
CA THR D 90 -0.12 25.51 -0.95
C THR D 90 -0.30 24.13 -0.32
N CYS D 91 0.18 23.09 -1.00
CA CYS D 91 -0.03 21.67 -0.58
C CYS D 91 1.08 21.21 0.35
N SER D 92 2.28 21.81 0.24
CA SER D 92 3.44 21.36 0.96
C SER D 92 4.48 22.46 1.06
N GLY D 93 5.35 22.29 2.05
CA GLY D 93 6.45 23.24 2.27
C GLY D 93 7.23 22.95 3.51
N THR D 94 7.98 23.96 3.96
CA THR D 94 8.77 23.86 5.14
C THR D 94 8.58 25.13 5.97
N GLU D 95 8.27 24.96 7.25
CA GLU D 95 8.15 26.06 8.20
C GLU D 95 9.34 25.93 9.15
N THR D 96 9.95 27.06 9.53
CA THR D 96 10.97 27.00 10.54
C THR D 96 10.43 27.59 11.83
N ILE D 97 10.51 26.78 12.89
CA ILE D 97 9.92 27.07 14.20
C ILE D 97 11.08 27.06 15.19
N PHE D 98 11.45 28.25 15.70
CA PHE D 98 12.55 28.40 16.63
C PHE D 98 13.78 27.64 16.14
N GLY D 99 14.12 27.83 14.86
CA GLY D 99 15.33 27.30 14.30
C GLY D 99 15.17 25.85 13.87
N ILE D 100 13.97 25.27 14.02
CA ILE D 100 13.73 23.87 13.69
C ILE D 100 12.90 23.84 12.42
N PRO D 101 13.48 23.32 11.33
CA PRO D 101 12.72 23.13 10.09
C PRO D 101 11.68 22.02 10.25
N VAL D 102 10.45 22.31 9.82
CA VAL D 102 9.38 21.35 9.80
C VAL D 102 8.84 21.21 8.39
N ALA D 103 9.11 20.04 7.77
CA ALA D 103 8.51 19.71 6.50
C ALA D 103 7.04 19.36 6.73
N TRP D 104 6.16 19.82 5.85
CA TRP D 104 4.72 19.55 6.02
C TRP D 104 4.10 19.26 4.65
N ASP D 105 3.04 18.43 4.69
CA ASP D 105 2.40 18.02 3.46
C ASP D 105 0.94 17.72 3.75
N ILE D 106 0.05 18.30 2.93
CA ILE D 106 -1.36 18.01 2.89
C ILE D 106 -1.64 17.27 1.58
N ARG D 107 -2.36 16.15 1.63
CA ARG D 107 -2.81 15.55 0.36
C ARG D 107 -4.09 14.78 0.53
N GLY D 108 -4.87 14.74 -0.54
CA GLY D 108 -5.95 13.83 -0.61
C GLY D 108 -5.45 12.40 -0.84
N GLU D 109 -6.22 11.44 -0.33
CA GLU D 109 -5.92 10.05 -0.61
C GLU D 109 -6.70 9.59 -1.83
N ASN D 110 -6.28 8.47 -2.40
CA ASN D 110 -6.89 8.07 -3.67
C ASN D 110 -7.44 6.66 -3.61
N GLY D 111 -8.19 6.31 -4.66
CA GLY D 111 -8.83 5.06 -4.74
C GLY D 111 -10.05 5.00 -3.84
N ILE D 112 -10.72 3.84 -3.80
CA ILE D 112 -11.97 3.78 -3.03
C ILE D 112 -11.68 3.96 -1.53
N LEU D 113 -10.53 3.47 -1.06
CA LEU D 113 -10.21 3.57 0.37
C LEU D 113 -9.92 5.04 0.74
N GLY D 114 -9.40 5.78 -0.23
CA GLY D 114 -8.95 7.17 0.03
C GLY D 114 -10.05 8.19 -0.18
N GLU D 115 -11.23 7.75 -0.62
CA GLU D 115 -12.35 8.60 -0.89
C GLU D 115 -12.70 9.46 0.32
N GLY D 116 -12.66 10.79 0.18
CA GLY D 116 -13.00 11.71 1.26
C GLY D 116 -12.03 11.70 2.43
N VAL D 117 -10.76 11.39 2.18
CA VAL D 117 -9.75 11.39 3.20
C VAL D 117 -8.61 12.33 2.80
N VAL D 118 -8.24 13.21 3.73
CA VAL D 118 -7.04 14.02 3.59
C VAL D 118 -6.05 13.65 4.70
N THR D 119 -4.76 13.55 4.37
CA THR D 119 -3.76 13.37 5.37
C THR D 119 -2.87 14.61 5.47
N VAL D 120 -2.41 14.86 6.70
CA VAL D 120 -1.50 15.94 6.96
C VAL D 120 -0.32 15.31 7.70
N VAL D 121 0.88 15.49 7.18
CA VAL D 121 2.03 14.84 7.71
C VAL D 121 3.15 15.86 7.83
N VAL D 122 3.83 15.83 8.99
CA VAL D 122 4.92 16.74 9.28
C VAL D 122 6.14 16.00 9.80
N THR D 123 7.32 16.55 9.50
CA THR D 123 8.54 16.03 10.07
C THR D 123 9.41 17.20 10.50
N ALA D 124 9.66 17.27 11.80
CA ALA D 124 10.57 18.27 12.40
C ALA D 124 11.95 17.66 12.51
N THR D 125 12.96 18.34 11.95
CA THR D 125 14.32 17.86 12.01
C THR D 125 15.15 18.88 12.81
N HIS D 126 15.46 18.55 14.07
CA HIS D 126 16.24 19.44 14.90
C HIS D 126 17.63 19.52 14.31
N PRO D 127 18.22 20.73 14.25
CA PRO D 127 19.58 20.88 13.78
C PRO D 127 20.60 20.03 14.57
N ARG D 128 20.28 19.71 15.83
CA ARG D 128 21.16 18.97 16.73
C ARG D 128 20.90 17.46 16.63
N GLY D 129 19.96 17.06 15.77
CA GLY D 129 19.79 15.62 15.46
C GLY D 129 18.34 15.12 15.56
N PRO D 130 17.66 15.21 16.71
CA PRO D 130 16.33 14.58 16.85
C PRO D 130 15.30 14.99 15.79
N LYS D 131 14.56 13.98 15.31
CA LYS D 131 13.56 14.07 14.28
C LYS D 131 12.25 13.57 14.90
N VAL D 132 11.16 14.25 14.57
CA VAL D 132 9.82 13.84 14.99
C VAL D 132 8.87 13.93 13.79
N THR D 133 8.16 12.81 13.51
CA THR D 133 7.20 12.76 12.41
C THR D 133 5.82 12.46 12.96
N LEU D 134 4.87 13.37 12.70
CA LEU D 134 3.50 13.27 13.15
C LEU D 134 2.55 13.35 11.96
N GLY D 135 1.41 12.67 12.11
CA GLY D 135 0.38 12.73 11.10
C GLY D 135 -0.99 12.94 11.73
N ARG D 136 -1.89 13.50 10.95
CA ARG D 136 -3.31 13.56 11.24
C ARG D 136 -4.12 13.13 10.01
N ARG D 137 -5.14 12.31 10.24
CA ARG D 137 -6.00 11.81 9.22
C ARG D 137 -7.34 12.50 9.37
N VAL D 138 -7.72 13.28 8.35
CA VAL D 138 -8.98 14.02 8.38
C VAL D 138 -9.93 13.46 7.32
N THR D 139 -11.17 13.17 7.68
CA THR D 139 -12.16 12.72 6.72
C THR D 139 -13.21 13.80 6.49
N CYS D 140 -13.93 13.67 5.38
CA CYS D 140 -14.99 14.61 5.03
C CYS D 140 -16.07 14.64 6.11
N TYR D 141 -16.13 13.61 6.95
CA TYR D 141 -17.11 13.54 8.02
C TYR D 141 -16.72 14.39 9.22
N ASP D 142 -15.52 14.96 9.24
CA ASP D 142 -15.03 15.67 10.37
C ASP D 142 -15.31 17.18 10.33
N VAL D 143 -15.81 17.69 9.19
CA VAL D 143 -16.16 19.10 9.10
C VAL D 143 -17.44 19.37 9.90
N TYR D 144 -17.67 20.65 10.19
CA TYR D 144 -18.89 21.09 10.79
C TYR D 144 -19.66 21.98 9.80
N PRO D 145 -20.99 21.79 9.60
CA PRO D 145 -21.75 20.68 10.16
C PRO D 145 -21.38 19.34 9.54
N SER D 146 -21.65 18.25 10.27
CA SER D 146 -21.43 16.90 9.81
C SER D 146 -22.22 16.65 8.54
N PRO D 147 -21.63 16.00 7.52
CA PRO D 147 -22.43 15.52 6.40
C PRO D 147 -23.51 14.53 6.88
N THR D 148 -24.60 14.45 6.13
CA THR D 148 -25.69 13.49 6.34
C THR D 148 -26.06 12.84 5.01
N GLN D 149 -27.08 11.97 5.04
CA GLN D 149 -27.54 11.27 3.85
C GLN D 149 -28.17 12.26 2.85
N ASP D 150 -28.96 13.20 3.33
CA ASP D 150 -29.61 14.16 2.43
C ASP D 150 -28.60 15.19 1.93
N GLN D 151 -27.51 15.39 2.69
CA GLN D 151 -26.53 16.43 2.41
C GLN D 151 -25.13 15.84 2.63
N PRO D 152 -24.55 15.18 1.60
CA PRO D 152 -23.28 14.48 1.79
C PRO D 152 -22.02 15.37 1.73
N ALA D 153 -22.18 16.61 1.27
CA ALA D 153 -21.00 17.46 1.07
C ALA D 153 -20.31 17.68 2.41
N PRO D 154 -18.96 17.71 2.52
CA PRO D 154 -18.04 17.64 1.36
C PRO D 154 -17.53 16.24 0.98
N CYS D 155 -18.23 15.20 1.41
CA CYS D 155 -17.87 13.85 0.94
C CYS D 155 -18.20 13.75 -0.54
N PRO D 156 -17.38 13.02 -1.31
CA PRO D 156 -17.70 12.77 -2.70
C PRO D 156 -18.76 11.68 -2.80
N PRO D 157 -19.45 11.58 -3.96
CA PRO D 157 -20.25 10.40 -4.23
C PRO D 157 -19.33 9.19 -4.39
N PRO D 158 -19.86 7.96 -4.28
CA PRO D 158 -19.06 6.76 -4.56
C PRO D 158 -18.40 6.89 -5.94
N GLY D 159 -17.08 6.70 -5.99
CA GLY D 159 -16.33 6.76 -7.21
C GLY D 159 -15.95 8.18 -7.64
N GLY D 160 -16.29 9.16 -6.79
CA GLY D 160 -16.11 10.59 -7.09
C GLY D 160 -14.87 11.23 -6.46
N GLY D 161 -13.99 10.42 -5.88
CA GLY D 161 -12.75 10.96 -5.34
C GLY D 161 -11.60 10.95 -6.35
N ARG D 162 -10.39 10.95 -5.82
CA ARG D 162 -9.20 10.94 -6.64
C ARG D 162 -9.01 9.53 -7.17
N PRO D 163 -8.72 9.35 -8.48
CA PRO D 163 -8.56 8.00 -9.01
C PRO D 163 -7.43 7.22 -8.31
N GLY D 164 -7.60 5.91 -8.13
CA GLY D 164 -6.58 5.04 -7.49
C GLY D 164 -5.25 5.10 -8.25
N SER D 165 -4.14 5.20 -7.51
CA SER D 165 -2.82 5.32 -8.14
C SER D 165 -2.25 3.94 -8.49
N GLY D 166 -2.61 2.92 -7.72
CA GLY D 166 -2.10 1.59 -7.97
C GLY D 166 -0.77 1.33 -7.29
N SER D 167 -0.62 0.12 -6.76
CA SER D 167 0.62 -0.31 -6.14
C SER D 167 0.61 -1.84 -6.02
N TRP D 168 1.67 -2.45 -6.52
CA TRP D 168 1.80 -3.88 -6.39
C TRP D 168 3.04 -4.18 -5.57
N SER D 169 2.81 -4.57 -4.31
CA SER D 169 3.85 -4.82 -3.36
C SER D 169 3.90 -6.31 -3.06
N HIS D 170 5.11 -6.88 -2.96
CA HIS D 170 5.25 -8.30 -2.67
C HIS D 170 6.68 -8.59 -2.25
N PRO D 171 6.91 -9.43 -1.23
CA PRO D 171 8.28 -9.71 -0.82
C PRO D 171 9.10 -10.38 -1.94
N GLN D 172 8.43 -11.08 -2.87
CA GLN D 172 9.11 -11.70 -4.00
C GLN D 172 9.84 -10.64 -4.83
N PHE D 173 9.39 -9.38 -4.79
CA PHE D 173 9.99 -8.29 -5.60
C PHE D 173 11.25 -7.71 -4.98
N GLU D 174 11.58 -8.14 -3.75
CA GLU D 174 12.99 -8.07 -3.16
C GLU D 174 12.83 -7.97 -1.65
#